data_5I4A
#
_entry.id   5I4A
#
_cell.length_a   50.883
_cell.length_b   75.420
_cell.length_c   102.215
_cell.angle_alpha   110.87
_cell.angle_beta   90.55
_cell.angle_gamma   90.09
#
_symmetry.space_group_name_H-M   'P 1'
#
loop_
_entity.id
_entity.type
_entity.pdbx_description
1 polymer 'Argonaute protein'
2 polymer "RNA (5'-R(*UP*AP*UP*AP*CP*AP*AP*CP*CP*UP*AP*CP*UP*U)-3')"
3 water water
#
loop_
_entity_poly.entity_id
_entity_poly.type
_entity_poly.pdbx_seq_one_letter_code
_entity_poly.pdbx_strand_id
1 'polypeptide(L)'
;GANAYLNLYKIDIPKKIKRLYFYNPDMEPKLFARNLSRVNNFKFQDSNDLVWIEIPDIDFQITPKNVFQYKVEKEEIIKE
EEDKKLFVKTLYKYIKKLFLDNDFYFKKGNNFISNSEVFSLDSNENVNAHLTYKIKIHNISNEYYLSILPKFTFLSKEPA
LESAIKSGYLYNIKSGKSFPYISGLDGILKIDIGNNQIVEVAYPENYLFNFTTRDAEKYGFSKEVHEIYKNKVFEGFKKI
PKTLGFLNKITNLNENYQLKDGYKIFINVIYKFKNGESRYAKDVFKYSFYKNEQPLKAIFFFSSKKQFFEVQKSLKELFH
NKHSVFYRAAAELGFSKVEFLRDSKTKSSAFLYNPEEFTVKNTEFINQIEDNVMAIVLLDKYIGNIDPLVRNFPDNLILQ
PILKEKLEDIKPFIIKSYVYKMGNFIPECKPFILKKMEDKEKNLYIGIDLSHDTYARKTNLCIAAVDNTGDILYIGKHKN
LELNEKMNLDILEKEYIKAFEKYIEKFNVSPENVFILRDGRFIEDIEIIKNFISYNDTKYTLVEVNKNTNINSYDDLKEW
IIKLDENTYIYYPKTFLNQKGVEVKILENNTDYTIEEIIEQIYLLTRVAHSTPYTNYKLPYPLHIANKVALTDYEWKLYI
PY
;
A,C
2 'polyribonucleotide' UAUACAACCUACUACCUCAUU B,D
#
loop_
_chem_comp.id
_chem_comp.type
_chem_comp.name
_chem_comp.formula
A RNA linking ADENOSINE-5'-MONOPHOSPHATE 'C10 H14 N5 O7 P'
C RNA linking CYTIDINE-5'-MONOPHOSPHATE 'C9 H14 N3 O8 P'
U RNA linking URIDINE-5'-MONOPHOSPHATE 'C9 H13 N2 O9 P'
#
# COMPACT_ATOMS: atom_id res chain seq x y z
N ALA A 4 20.29 -17.73 -10.89
CA ALA A 4 21.31 -16.70 -10.71
C ALA A 4 22.19 -17.01 -9.50
N TYR A 5 23.49 -16.86 -9.69
CA TYR A 5 24.46 -17.15 -8.65
C TYR A 5 24.68 -15.92 -7.77
N LEU A 6 24.83 -16.14 -6.47
CA LEU A 6 25.32 -15.13 -5.55
C LEU A 6 26.58 -15.65 -4.87
N ASN A 7 27.48 -14.74 -4.53
CA ASN A 7 28.74 -15.11 -3.89
C ASN A 7 28.59 -15.42 -2.40
N LEU A 8 27.46 -16.02 -2.03
CA LEU A 8 27.17 -16.34 -0.64
C LEU A 8 27.47 -17.81 -0.37
N TYR A 9 28.03 -18.10 0.80
CA TYR A 9 28.41 -19.45 1.17
C TYR A 9 27.93 -19.74 2.58
N LYS A 10 27.20 -20.85 2.73
CA LYS A 10 26.58 -21.17 4.01
C LYS A 10 27.64 -21.62 5.02
N ILE A 11 27.57 -21.06 6.22
CA ILE A 11 28.50 -21.40 7.30
C ILE A 11 27.90 -22.57 8.08
N ASP A 12 28.64 -23.66 8.16
CA ASP A 12 28.19 -24.89 8.82
C ASP A 12 29.11 -25.19 10.00
N ILE A 13 28.87 -24.51 11.11
CA ILE A 13 29.59 -24.75 12.37
C ILE A 13 28.60 -24.65 13.51
N PRO A 14 28.95 -25.22 14.67
CA PRO A 14 28.08 -25.04 15.85
C PRO A 14 27.85 -23.57 16.16
N LYS A 15 26.60 -23.23 16.45
CA LYS A 15 26.23 -21.85 16.78
C LYS A 15 26.54 -21.55 18.24
N LYS A 16 27.82 -21.65 18.58
CA LYS A 16 28.26 -21.43 19.94
C LYS A 16 29.73 -20.99 19.93
N ILE A 17 30.10 -20.25 20.97
CA ILE A 17 31.46 -19.76 21.15
C ILE A 17 32.04 -20.37 22.43
N LYS A 18 33.28 -20.83 22.35
CA LYS A 18 33.99 -21.37 23.49
C LYS A 18 35.05 -20.38 23.94
N ARG A 19 35.13 -20.14 25.26
CA ARG A 19 36.13 -19.25 25.83
C ARG A 19 37.05 -20.05 26.73
N LEU A 20 38.33 -20.11 26.37
CA LEU A 20 39.34 -20.83 27.12
C LEU A 20 40.22 -19.85 27.88
N TYR A 21 40.76 -20.31 29.01
CA TYR A 21 41.54 -19.46 29.89
C TYR A 21 42.93 -20.04 30.09
N PHE A 22 43.90 -19.14 30.29
CA PHE A 22 45.29 -19.50 30.53
C PHE A 22 45.86 -18.58 31.59
N TYR A 23 46.83 -19.11 32.35
CA TYR A 23 47.50 -18.32 33.37
C TYR A 23 49.00 -18.56 33.33
N ASN A 24 49.77 -17.47 33.37
CA ASN A 24 51.23 -17.53 33.35
C ASN A 24 51.75 -16.69 34.50
N PRO A 25 52.43 -17.29 35.49
CA PRO A 25 52.95 -16.50 36.61
C PRO A 25 54.21 -15.72 36.29
N ASP A 26 54.99 -16.13 35.29
CA ASP A 26 56.26 -15.50 34.99
C ASP A 26 56.13 -14.25 34.14
N MET A 27 54.92 -13.92 33.68
CA MET A 27 54.75 -12.89 32.67
C MET A 27 53.52 -12.06 32.99
N GLU A 28 53.59 -10.78 32.64
CA GLU A 28 52.43 -9.91 32.77
C GLU A 28 51.33 -10.38 31.82
N PRO A 29 50.07 -10.35 32.26
CA PRO A 29 48.98 -10.87 31.41
C PRO A 29 48.88 -10.19 30.05
N LYS A 30 49.11 -8.88 29.99
CA LYS A 30 49.02 -8.18 28.70
C LYS A 30 50.11 -8.67 27.74
N LEU A 31 51.32 -8.88 28.25
CA LEU A 31 52.40 -9.39 27.40
C LEU A 31 52.17 -10.83 27.00
N PHE A 32 51.70 -11.67 27.94
CA PHE A 32 51.37 -13.05 27.62
C PHE A 32 50.31 -13.11 26.52
N ALA A 33 49.26 -12.29 26.65
CA ALA A 33 48.21 -12.26 25.63
C ALA A 33 48.75 -11.78 24.29
N ARG A 34 49.66 -10.80 24.31
CA ARG A 34 50.20 -10.26 23.05
C ARG A 34 51.03 -11.30 22.31
N ASN A 35 51.88 -12.03 23.03
CA ASN A 35 52.69 -13.06 22.38
C ASN A 35 51.80 -14.20 21.87
N LEU A 36 50.76 -14.55 22.61
CA LEU A 36 49.84 -15.59 22.15
C LEU A 36 49.08 -15.14 20.90
N SER A 37 48.69 -13.86 20.85
CA SER A 37 48.02 -13.34 19.67
C SER A 37 48.93 -13.39 18.45
N ARG A 38 50.20 -13.03 18.63
CA ARG A 38 51.13 -12.94 17.50
C ARG A 38 51.36 -14.31 16.86
N VAL A 39 51.54 -15.35 17.67
CA VAL A 39 51.88 -16.66 17.12
C VAL A 39 50.65 -17.42 16.63
N ASN A 40 49.45 -17.06 17.07
CA ASN A 40 48.24 -17.72 16.62
C ASN A 40 47.47 -16.92 15.58
N ASN A 41 47.93 -15.71 15.23
CA ASN A 41 47.22 -14.82 14.32
C ASN A 41 45.78 -14.60 14.77
N PHE A 42 45.59 -14.51 16.08
CA PHE A 42 44.25 -14.48 16.67
C PHE A 42 44.36 -13.78 18.02
N LYS A 43 43.62 -12.69 18.20
CA LYS A 43 43.82 -11.85 19.35
C LYS A 43 43.35 -12.54 20.63
N PHE A 44 44.24 -12.61 21.62
CA PHE A 44 43.90 -12.98 22.97
C PHE A 44 43.60 -11.72 23.79
N GLN A 45 42.69 -11.86 24.75
CA GLN A 45 42.42 -10.79 25.69
C GLN A 45 43.01 -11.15 27.06
N ASP A 46 43.21 -10.13 27.88
CA ASP A 46 43.84 -10.30 29.18
C ASP A 46 42.99 -9.65 30.27
N SER A 47 43.17 -10.15 31.49
CA SER A 47 42.60 -9.53 32.68
C SER A 47 43.71 -9.05 33.59
N ASN A 48 43.39 -8.85 34.88
CA ASN A 48 44.43 -8.54 35.85
C ASN A 48 45.33 -9.73 36.14
N ASP A 49 44.85 -10.96 35.88
CA ASP A 49 45.69 -12.15 36.05
C ASP A 49 45.47 -13.22 35.00
N LEU A 50 44.30 -13.31 34.36
CA LEU A 50 44.00 -14.37 33.41
C LEU A 50 44.01 -13.85 31.97
N VAL A 51 44.48 -14.71 31.07
CA VAL A 51 44.44 -14.46 29.63
C VAL A 51 43.48 -15.47 29.01
N TRP A 52 42.61 -14.99 28.12
CA TRP A 52 41.59 -15.86 27.55
C TRP A 52 41.47 -15.63 26.04
N ILE A 53 40.79 -16.57 25.39
CA ILE A 53 40.55 -16.55 23.96
C ILE A 53 39.15 -17.08 23.69
N GLU A 54 38.42 -16.41 22.80
CA GLU A 54 37.08 -16.81 22.40
C GLU A 54 37.17 -17.36 20.97
N ILE A 55 36.77 -18.62 20.80
CA ILE A 55 36.96 -19.32 19.53
C ILE A 55 35.65 -19.98 19.13
N PRO A 56 35.49 -20.32 17.85
CA PRO A 56 34.37 -21.17 17.46
C PRO A 56 34.52 -22.56 18.06
N ASP A 57 33.41 -23.26 18.18
CA ASP A 57 33.40 -24.61 18.75
C ASP A 57 33.86 -25.62 17.70
N ILE A 58 35.11 -25.45 17.26
CA ILE A 58 35.74 -26.33 16.29
C ILE A 58 37.14 -26.67 16.79
N ASP A 59 37.79 -27.61 16.09
CA ASP A 59 39.15 -27.97 16.44
C ASP A 59 40.06 -26.78 16.20
N PHE A 60 40.76 -26.36 17.26
CA PHE A 60 41.57 -25.14 17.24
C PHE A 60 42.85 -25.46 18.02
N GLN A 61 43.93 -25.70 17.29
CA GLN A 61 45.21 -26.06 17.90
C GLN A 61 46.00 -24.78 18.17
N ILE A 62 46.19 -24.48 19.45
CA ILE A 62 46.86 -23.25 19.86
C ILE A 62 48.37 -23.44 19.84
N THR A 63 49.07 -22.38 19.46
CA THR A 63 50.53 -22.35 19.40
C THR A 63 51.06 -21.42 20.51
N PRO A 64 52.17 -21.80 21.18
CA PRO A 64 52.97 -23.01 20.99
C PRO A 64 52.31 -24.28 21.51
N LYS A 65 52.90 -25.43 21.17
CA LYS A 65 52.34 -26.70 21.60
C LYS A 65 52.24 -26.77 23.12
N ASN A 66 53.33 -26.45 23.83
CA ASN A 66 53.31 -26.62 25.27
C ASN A 66 52.45 -25.57 26.00
N VAL A 67 51.66 -24.77 25.29
CA VAL A 67 50.83 -23.77 25.96
C VAL A 67 49.82 -24.41 26.89
N PHE A 68 49.56 -25.73 26.74
CA PHE A 68 48.67 -26.41 27.67
C PHE A 68 49.19 -26.36 29.10
N GLN A 69 50.48 -26.09 29.30
CA GLN A 69 51.02 -25.96 30.64
C GLN A 69 50.47 -24.75 31.38
N TYR A 70 49.90 -23.79 30.65
CA TYR A 70 49.27 -22.63 31.26
C TYR A 70 47.75 -22.71 31.25
N LYS A 71 47.18 -23.77 30.68
CA LYS A 71 45.73 -23.86 30.55
C LYS A 71 45.06 -23.93 31.92
N VAL A 72 43.97 -23.21 32.07
CA VAL A 72 43.21 -23.12 33.31
C VAL A 72 41.93 -23.93 33.16
N GLU A 73 41.46 -24.49 34.28
CA GLU A 73 40.25 -25.31 34.29
C GLU A 73 39.05 -24.57 33.69
N LYS A 74 38.98 -23.26 33.88
CA LYS A 74 37.78 -22.50 33.52
C LYS A 74 37.52 -22.56 32.02
N GLU A 75 36.27 -22.88 31.66
CA GLU A 75 35.81 -22.85 30.28
C GLU A 75 34.37 -22.37 30.26
N GLU A 76 34.02 -21.68 29.17
CA GLU A 76 32.68 -21.11 29.03
C GLU A 76 32.19 -21.33 27.61
N ILE A 77 30.89 -21.57 27.48
CA ILE A 77 30.24 -21.80 26.19
C ILE A 77 29.10 -20.79 26.08
N ILE A 78 29.17 -19.95 25.05
CA ILE A 78 28.18 -18.92 24.80
C ILE A 78 27.47 -19.27 23.50
N LYS A 79 26.17 -19.52 23.59
CA LYS A 79 25.38 -19.81 22.40
C LYS A 79 25.19 -18.53 21.58
N GLU A 80 25.12 -18.69 20.26
CA GLU A 80 24.82 -17.56 19.38
C GLU A 80 23.51 -16.91 19.78
N GLU A 81 22.55 -17.69 20.30
CA GLU A 81 21.32 -17.13 20.84
C GLU A 81 21.59 -16.06 21.87
N GLU A 82 22.44 -16.37 22.85
CA GLU A 82 22.66 -15.48 23.98
C GLU A 82 23.47 -14.24 23.61
N ASP A 83 24.17 -14.26 22.47
CA ASP A 83 25.07 -13.17 22.12
C ASP A 83 25.42 -13.32 20.63
N LYS A 84 24.63 -12.66 19.78
CA LYS A 84 24.87 -12.74 18.33
C LYS A 84 26.16 -12.04 17.94
N LYS A 85 26.43 -10.87 18.53
CA LYS A 85 27.60 -10.10 18.13
C LYS A 85 28.89 -10.82 18.49
N LEU A 86 28.92 -11.52 19.63
CA LEU A 86 30.10 -12.28 20.01
C LEU A 86 30.38 -13.38 19.01
N PHE A 87 29.35 -14.08 18.55
CA PHE A 87 29.53 -15.12 17.54
C PHE A 87 30.10 -14.54 16.25
N VAL A 88 29.56 -13.40 15.80
CA VAL A 88 30.03 -12.79 14.56
C VAL A 88 31.44 -12.27 14.72
N LYS A 89 31.73 -11.59 15.83
CA LYS A 89 33.07 -11.11 16.10
C LYS A 89 34.07 -12.27 16.10
N THR A 90 33.72 -13.36 16.78
CA THR A 90 34.61 -14.52 16.85
C THR A 90 34.82 -15.14 15.48
N LEU A 91 33.75 -15.26 14.68
CA LEU A 91 33.88 -15.85 13.36
C LEU A 91 34.74 -14.98 12.45
N TYR A 92 34.59 -13.66 12.55
CA TYR A 92 35.43 -12.75 11.78
C TYR A 92 36.91 -12.93 12.12
N LYS A 93 37.23 -12.99 13.41
CA LYS A 93 38.61 -13.19 13.82
C LYS A 93 39.12 -14.56 13.39
N TYR A 94 38.24 -15.57 13.39
CA TYR A 94 38.66 -16.90 12.97
C TYR A 94 38.96 -16.95 11.48
N ILE A 95 38.17 -16.25 10.68
CA ILE A 95 38.43 -16.19 9.24
C ILE A 95 39.75 -15.47 8.98
N LYS A 96 39.98 -14.37 9.68
CA LYS A 96 41.24 -13.64 9.54
C LYS A 96 42.44 -14.53 9.84
N LYS A 97 42.36 -15.30 10.93
CA LYS A 97 43.46 -16.19 11.30
C LYS A 97 43.76 -17.18 10.19
N LEU A 98 42.73 -17.80 9.62
CA LEU A 98 42.93 -18.78 8.57
C LEU A 98 43.62 -18.17 7.36
N PHE A 99 43.15 -16.99 6.93
CA PHE A 99 43.81 -16.29 5.83
C PHE A 99 45.25 -15.97 6.16
N LEU A 100 45.50 -15.40 7.35
CA LEU A 100 46.85 -15.07 7.75
C LEU A 100 47.71 -16.33 7.89
N ASP A 101 47.12 -17.41 8.38
CA ASP A 101 47.85 -18.67 8.48
C ASP A 101 48.24 -19.22 7.10
N ASN A 102 47.51 -18.85 6.05
CA ASN A 102 47.87 -19.22 4.70
C ASN A 102 48.60 -18.10 3.97
N ASP A 103 49.21 -17.19 4.72
CA ASP A 103 50.11 -16.15 4.24
C ASP A 103 49.42 -15.11 3.37
N PHE A 104 48.11 -14.94 3.52
CA PHE A 104 47.44 -13.79 2.94
C PHE A 104 47.77 -12.54 3.76
N TYR A 105 47.84 -11.40 3.08
CA TYR A 105 47.93 -10.13 3.77
C TYR A 105 46.53 -9.66 4.12
N PHE A 106 46.38 -9.06 5.30
CA PHE A 106 45.13 -8.45 5.70
C PHE A 106 45.16 -6.96 5.39
N LYS A 107 44.04 -6.46 4.88
CA LYS A 107 43.86 -5.05 4.61
C LYS A 107 42.50 -4.62 5.18
N LYS A 108 42.43 -3.40 5.69
CA LYS A 108 41.24 -2.91 6.37
C LYS A 108 39.99 -3.12 5.52
N GLY A 109 38.90 -3.49 6.17
CA GLY A 109 37.69 -3.90 5.47
C GLY A 109 37.59 -5.37 5.18
N ASN A 110 38.39 -6.20 5.85
CA ASN A 110 38.40 -7.65 5.67
C ASN A 110 38.77 -8.03 4.24
N ASN A 111 39.66 -7.25 3.62
CA ASN A 111 40.26 -7.61 2.34
C ASN A 111 41.50 -8.46 2.61
N PHE A 112 41.61 -9.58 1.90
CA PHE A 112 42.69 -10.52 2.10
C PHE A 112 43.49 -10.64 0.81
N ILE A 113 44.73 -10.17 0.85
CA ILE A 113 45.60 -10.09 -0.32
C ILE A 113 46.38 -11.40 -0.43
N SER A 114 46.18 -12.11 -1.54
CA SER A 114 46.94 -13.33 -1.77
C SER A 114 48.40 -12.99 -2.07
N ASN A 115 49.30 -13.87 -1.61
CA ASN A 115 50.72 -13.73 -1.91
C ASN A 115 51.28 -14.85 -2.76
N SER A 116 50.44 -15.80 -3.21
CA SER A 116 50.83 -16.77 -4.21
C SER A 116 50.21 -16.50 -5.57
N GLU A 117 48.99 -15.95 -5.61
CA GLU A 117 48.33 -15.59 -6.86
C GLU A 117 48.68 -14.13 -7.21
N VAL A 118 49.96 -13.94 -7.52
CA VAL A 118 50.51 -12.62 -7.84
C VAL A 118 51.20 -12.70 -9.19
N PHE A 119 51.02 -11.65 -10.01
CA PHE A 119 51.75 -11.54 -11.25
C PHE A 119 52.13 -10.08 -11.48
N SER A 120 53.36 -9.87 -11.97
CA SER A 120 53.79 -8.53 -12.32
C SER A 120 53.08 -8.08 -13.58
N LEU A 121 52.74 -6.79 -13.63
CA LEU A 121 52.04 -6.24 -14.78
C LEU A 121 52.97 -6.15 -15.97
N ASP A 122 52.50 -6.62 -17.13
CA ASP A 122 53.26 -6.45 -18.37
C ASP A 122 53.53 -4.97 -18.62
N SER A 123 52.56 -4.11 -18.31
CA SER A 123 52.68 -2.70 -18.64
C SER A 123 53.71 -2.00 -17.76
N ASN A 124 53.80 -2.38 -16.48
CA ASN A 124 54.74 -1.76 -15.55
C ASN A 124 55.38 -2.84 -14.71
N GLU A 125 56.69 -3.03 -14.88
CA GLU A 125 57.39 -4.14 -14.25
C GLU A 125 57.41 -4.00 -12.74
N ASN A 126 57.32 -2.78 -12.22
CA ASN A 126 57.45 -2.53 -10.79
C ASN A 126 56.14 -2.64 -10.03
N VAL A 127 55.07 -3.10 -10.66
CA VAL A 127 53.75 -3.20 -10.03
C VAL A 127 53.33 -4.65 -9.98
N ASN A 128 52.86 -5.09 -8.81
CA ASN A 128 52.36 -6.44 -8.61
C ASN A 128 50.83 -6.42 -8.54
N ALA A 129 50.18 -7.33 -9.26
CA ALA A 129 48.74 -7.50 -9.21
C ALA A 129 48.45 -8.70 -8.32
N HIS A 130 47.98 -8.42 -7.10
CA HIS A 130 47.67 -9.46 -6.13
C HIS A 130 46.18 -9.81 -6.21
N LEU A 131 45.89 -11.07 -6.49
CA LEU A 131 44.52 -11.55 -6.37
C LEU A 131 44.05 -11.36 -4.93
N THR A 132 42.89 -10.75 -4.76
CA THR A 132 42.40 -10.37 -3.44
C THR A 132 40.97 -10.87 -3.27
N TYR A 133 40.63 -11.23 -2.03
CA TYR A 133 39.28 -11.64 -1.67
C TYR A 133 38.82 -10.83 -0.48
N LYS A 134 37.67 -10.16 -0.63
CA LYS A 134 37.02 -9.45 0.47
C LYS A 134 35.90 -10.32 1.01
N ILE A 135 35.88 -10.48 2.35
CA ILE A 135 35.01 -11.45 3.01
C ILE A 135 34.13 -10.70 4.00
N LYS A 136 32.83 -11.00 3.98
CA LYS A 136 31.87 -10.42 4.91
C LYS A 136 30.90 -11.49 5.38
N ILE A 137 30.34 -11.28 6.57
CA ILE A 137 29.45 -12.24 7.22
C ILE A 137 28.03 -11.69 7.17
N HIS A 138 27.09 -12.52 6.78
CA HIS A 138 25.70 -12.12 6.59
C HIS A 138 24.77 -13.08 7.33
N ASN A 139 23.76 -12.51 7.98
CA ASN A 139 22.76 -13.29 8.71
C ASN A 139 21.45 -13.21 7.91
N ILE A 140 21.21 -14.22 7.09
CA ILE A 140 20.05 -14.27 6.20
C ILE A 140 19.19 -15.45 6.60
N SER A 141 17.90 -15.20 6.86
CA SER A 141 16.92 -16.25 7.12
C SER A 141 17.36 -17.17 8.25
N ASN A 142 17.82 -16.59 9.36
CA ASN A 142 18.26 -17.29 10.56
C ASN A 142 19.52 -18.12 10.36
N GLU A 143 20.14 -18.07 9.19
CA GLU A 143 21.38 -18.79 8.93
C GLU A 143 22.49 -17.80 8.62
N TYR A 144 23.73 -18.24 8.81
CA TYR A 144 24.89 -17.39 8.62
C TYR A 144 25.57 -17.73 7.30
N TYR A 145 25.93 -16.69 6.55
CA TYR A 145 26.55 -16.85 5.24
C TYR A 145 27.83 -16.02 5.19
N LEU A 146 28.61 -16.29 4.14
CA LEU A 146 29.91 -15.67 3.94
C LEU A 146 30.00 -15.23 2.49
N SER A 147 30.03 -13.92 2.25
CA SER A 147 30.22 -13.41 0.90
C SER A 147 31.71 -13.34 0.60
N ILE A 148 32.09 -13.83 -0.58
CA ILE A 148 33.49 -13.88 -1.01
C ILE A 148 33.56 -13.12 -2.32
N LEU A 149 34.09 -11.90 -2.27
CA LEU A 149 34.16 -11.06 -3.46
C LEU A 149 35.58 -11.09 -4.01
N PRO A 150 35.84 -11.76 -5.12
CA PRO A 150 37.14 -11.65 -5.76
C PRO A 150 37.37 -10.23 -6.27
N LYS A 151 38.58 -9.74 -6.07
CA LYS A 151 38.98 -8.42 -6.56
C LYS A 151 40.50 -8.44 -6.74
N PHE A 152 41.08 -7.25 -6.90
CA PHE A 152 42.51 -7.14 -7.13
C PHE A 152 43.09 -5.98 -6.34
N THR A 153 44.32 -6.18 -5.88
CA THR A 153 45.10 -5.15 -5.22
C THR A 153 46.42 -5.00 -5.96
N PHE A 154 46.74 -3.77 -6.35
CA PHE A 154 47.95 -3.47 -7.09
C PHE A 154 48.93 -2.79 -6.17
N LEU A 155 50.05 -3.45 -5.90
CA LEU A 155 51.05 -3.00 -4.95
C LEU A 155 52.42 -2.96 -5.60
N SER A 156 53.29 -2.10 -5.08
CA SER A 156 54.67 -2.07 -5.54
C SER A 156 55.35 -3.39 -5.21
N LYS A 157 56.15 -3.88 -6.16
CA LYS A 157 56.87 -5.14 -5.95
C LYS A 157 57.91 -5.02 -4.85
N GLU A 158 58.48 -3.83 -4.66
CA GLU A 158 59.51 -3.57 -3.68
C GLU A 158 58.99 -2.62 -2.62
N PRO A 159 59.56 -2.64 -1.41
CA PRO A 159 59.19 -1.67 -0.38
C PRO A 159 59.37 -0.24 -0.88
N ALA A 160 58.67 0.68 -0.20
CA ALA A 160 58.55 2.06 -0.67
C ALA A 160 59.91 2.69 -0.96
N LEU A 161 60.87 2.52 -0.05
CA LEU A 161 62.17 3.15 -0.23
C LEU A 161 62.97 2.49 -1.36
N GLU A 162 62.68 1.23 -1.68
CA GLU A 162 63.40 0.51 -2.72
C GLU A 162 62.56 0.33 -3.98
N SER A 163 61.52 1.13 -4.16
CA SER A 163 60.60 0.99 -5.29
C SER A 163 60.84 2.14 -6.27
N ALA A 164 61.13 1.78 -7.52
CA ALA A 164 61.37 2.78 -8.56
C ALA A 164 60.13 3.66 -8.76
N ILE A 165 58.96 3.04 -8.81
CA ILE A 165 57.70 3.76 -8.97
C ILE A 165 57.15 4.11 -7.58
N LYS A 166 56.37 5.18 -7.51
CA LYS A 166 55.80 5.65 -6.27
C LYS A 166 54.34 6.03 -6.48
N SER A 167 53.63 6.21 -5.37
CA SER A 167 52.23 6.59 -5.37
C SER A 167 51.98 7.49 -4.17
N GLY A 168 50.71 7.83 -3.96
CA GLY A 168 50.33 8.69 -2.86
C GLY A 168 49.90 8.01 -1.58
N TYR A 169 49.85 6.67 -1.56
CA TYR A 169 49.39 5.95 -0.39
C TYR A 169 50.22 4.70 -0.18
N LEU A 170 50.62 4.47 1.07
CA LEU A 170 51.40 3.31 1.46
C LEU A 170 50.51 2.33 2.22
N TYR A 171 50.62 1.05 1.87
CA TYR A 171 49.92 -0.02 2.56
C TYR A 171 50.89 -0.73 3.49
N ASN A 172 50.53 -0.84 4.77
CA ASN A 172 51.36 -1.50 5.75
C ASN A 172 51.04 -2.98 5.78
N ILE A 173 52.07 -3.82 5.59
CA ILE A 173 51.88 -5.26 5.53
C ILE A 173 51.37 -5.81 6.86
N LYS A 174 51.81 -5.22 7.97
CA LYS A 174 51.47 -5.78 9.28
C LYS A 174 50.08 -5.35 9.73
N SER A 175 49.82 -4.04 9.78
CA SER A 175 48.57 -3.55 10.34
C SER A 175 47.42 -3.63 9.36
N GLY A 176 47.70 -3.57 8.06
CA GLY A 176 46.66 -3.49 7.06
C GLY A 176 46.09 -2.10 6.87
N LYS A 177 46.62 -1.09 7.56
CA LYS A 177 46.16 0.28 7.40
C LYS A 177 46.94 0.96 6.27
N SER A 178 46.36 2.04 5.74
CA SER A 178 46.97 2.82 4.68
C SER A 178 47.17 4.25 5.16
N PHE A 179 48.32 4.82 4.80
CA PHE A 179 48.70 6.16 5.23
C PHE A 179 49.19 6.95 4.03
N PRO A 180 48.89 8.24 3.96
CA PRO A 180 49.46 9.08 2.90
C PRO A 180 50.98 9.06 2.96
N TYR A 181 51.59 9.06 1.77
CA TYR A 181 53.05 8.98 1.64
C TYR A 181 53.60 10.40 1.57
N ILE A 182 54.26 10.82 2.65
CA ILE A 182 54.83 12.17 2.70
C ILE A 182 56.13 12.24 1.91
N SER A 183 57.13 11.50 2.35
CA SER A 183 58.43 11.57 1.70
C SER A 183 59.22 10.29 1.97
N GLY A 184 60.08 9.95 1.01
CA GLY A 184 61.03 8.88 1.18
C GLY A 184 62.37 9.29 0.60
N LEU A 185 63.27 9.76 1.46
CA LEU A 185 64.56 10.29 1.03
C LEU A 185 65.61 9.94 2.06
N ASP A 186 66.82 9.61 1.59
CA ASP A 186 67.96 9.33 2.45
C ASP A 186 67.68 8.17 3.41
N GLY A 187 66.86 7.21 2.98
CA GLY A 187 66.59 6.03 3.77
C GLY A 187 65.61 6.22 4.91
N ILE A 188 64.98 7.38 5.04
CA ILE A 188 63.97 7.63 6.06
C ILE A 188 62.63 7.83 5.38
N LEU A 189 61.65 7.01 5.74
CA LEU A 189 60.32 7.03 5.15
C LEU A 189 59.37 7.74 6.11
N LYS A 190 58.61 8.68 5.59
CA LYS A 190 57.71 9.50 6.40
C LYS A 190 56.28 9.34 5.93
N ILE A 191 55.37 9.10 6.89
CA ILE A 191 53.98 8.81 6.62
C ILE A 191 53.11 9.82 7.37
N ASP A 192 51.86 9.93 6.94
CA ASP A 192 50.88 10.79 7.59
C ASP A 192 50.02 9.94 8.52
N ILE A 193 49.88 10.40 9.77
CA ILE A 193 49.05 9.71 10.75
C ILE A 193 47.80 10.52 11.03
N ASN A 196 47.04 15.59 11.96
CA ASN A 196 48.04 15.75 10.90
C ASN A 196 49.45 15.63 11.48
N GLN A 197 49.82 14.41 11.84
CA GLN A 197 51.13 14.13 12.43
C GLN A 197 52.00 13.40 11.44
N ILE A 198 53.23 13.87 11.27
CA ILE A 198 54.22 13.23 10.41
C ILE A 198 55.11 12.36 11.27
N VAL A 199 55.43 11.15 10.79
CA VAL A 199 56.15 10.16 11.56
C VAL A 199 57.19 9.49 10.68
N GLU A 200 58.43 9.43 11.15
CA GLU A 200 59.44 8.57 10.55
C GLU A 200 59.22 7.14 11.02
N VAL A 201 59.44 6.20 10.12
CA VAL A 201 59.14 4.79 10.36
C VAL A 201 60.42 4.04 10.72
N ALA A 202 60.29 3.03 11.57
CA ALA A 202 61.43 2.18 11.92
C ALA A 202 61.62 0.99 10.97
N TYR A 203 60.57 0.30 10.55
CA TYR A 203 60.73 -0.62 9.44
C TYR A 203 60.03 -0.10 8.19
N PRO A 204 60.71 0.73 7.39
CA PRO A 204 60.14 1.15 6.11
C PRO A 204 59.94 0.00 5.16
N GLU A 205 60.53 -1.17 5.45
CA GLU A 205 60.36 -2.34 4.60
C GLU A 205 58.97 -2.97 4.72
N ASN A 206 58.21 -2.62 5.76
CA ASN A 206 56.85 -3.11 5.92
C ASN A 206 55.83 -2.30 5.13
N TYR A 207 56.28 -1.36 4.31
CA TYR A 207 55.39 -0.46 3.59
C TYR A 207 55.53 -0.69 2.09
N LEU A 208 54.40 -0.89 1.43
CA LEU A 208 54.34 -1.01 -0.02
C LEU A 208 53.44 0.09 -0.58
N PHE A 209 53.68 0.47 -1.82
CA PHE A 209 52.84 1.45 -2.49
C PHE A 209 51.56 0.78 -3.00
N ASN A 210 50.42 1.40 -2.72
CA ASN A 210 49.13 0.90 -3.18
C ASN A 210 48.66 1.76 -4.35
N PHE A 211 48.30 1.10 -5.45
CA PHE A 211 47.94 1.79 -6.69
C PHE A 211 46.45 1.63 -6.93
N THR A 212 45.75 2.76 -6.99
CA THR A 212 44.31 2.77 -7.21
C THR A 212 44.01 2.87 -8.70
N THR A 213 42.72 2.93 -9.03
CA THR A 213 42.32 3.08 -10.42
C THR A 213 42.84 4.38 -11.02
N ARG A 214 42.96 5.43 -10.22
CA ARG A 214 43.41 6.72 -10.75
C ARG A 214 44.92 6.74 -10.96
N ASP A 215 45.68 6.10 -10.06
CA ASP A 215 47.12 6.02 -10.23
C ASP A 215 47.48 5.26 -11.49
N ALA A 216 46.81 4.13 -11.72
CA ALA A 216 47.04 3.36 -12.94
C ALA A 216 46.82 4.22 -14.18
N GLU A 217 45.77 5.05 -14.18
CA GLU A 217 45.62 6.05 -15.23
C GLU A 217 46.78 7.04 -15.20
N LYS A 218 47.17 7.48 -14.00
CA LYS A 218 48.19 8.51 -13.88
C LYS A 218 49.55 8.00 -14.35
N TYR A 219 49.93 6.79 -13.93
CA TYR A 219 51.23 6.21 -14.27
C TYR A 219 51.16 5.32 -15.50
N GLY A 220 50.05 5.32 -16.23
CA GLY A 220 50.03 4.76 -17.57
C GLY A 220 49.93 3.26 -17.66
N PHE A 221 49.30 2.59 -16.69
CA PHE A 221 49.06 1.15 -16.80
C PHE A 221 47.60 0.79 -16.52
N SER A 222 46.69 1.76 -16.66
CA SER A 222 45.26 1.49 -16.44
C SER A 222 44.66 0.54 -17.47
N LYS A 223 45.27 0.44 -18.66
CA LYS A 223 44.74 -0.47 -19.66
C LYS A 223 44.81 -1.92 -19.17
N GLU A 224 45.97 -2.32 -18.65
CA GLU A 224 46.09 -3.67 -18.12
C GLU A 224 45.25 -3.84 -16.85
N VAL A 225 45.11 -2.77 -16.07
CA VAL A 225 44.25 -2.83 -14.88
C VAL A 225 42.80 -3.07 -15.29
N HIS A 226 42.36 -2.42 -16.37
CA HIS A 226 40.99 -2.64 -16.85
C HIS A 226 40.82 -4.03 -17.43
N GLU A 227 41.79 -4.50 -18.23
CA GLU A 227 41.70 -5.84 -18.80
C GLU A 227 41.57 -6.90 -17.72
N ILE A 228 42.42 -6.82 -16.70
CA ILE A 228 42.39 -7.80 -15.62
C ILE A 228 41.02 -7.82 -14.95
N TYR A 229 40.43 -6.65 -14.73
CA TYR A 229 39.13 -6.60 -14.08
C TYR A 229 38.01 -7.15 -14.96
N LYS A 230 38.19 -7.17 -16.28
CA LYS A 230 37.08 -7.48 -17.17
C LYS A 230 36.81 -8.98 -17.27
N ASN A 231 37.83 -9.76 -17.65
CA ASN A 231 37.63 -11.20 -17.84
C ASN A 231 38.67 -11.99 -17.06
N LYS A 232 39.11 -11.47 -15.90
CA LYS A 232 39.99 -12.21 -15.00
C LYS A 232 39.48 -12.13 -13.55
N VAL A 233 38.33 -11.51 -13.31
CA VAL A 233 37.68 -11.59 -12.01
C VAL A 233 36.74 -12.80 -11.95
N PHE A 234 36.13 -13.17 -13.08
CA PHE A 234 35.32 -14.39 -13.13
C PHE A 234 36.15 -15.61 -12.77
N GLU A 235 37.41 -15.64 -13.20
CA GLU A 235 38.31 -16.71 -12.75
C GLU A 235 38.52 -16.63 -11.23
N GLY A 236 38.40 -15.44 -10.65
CA GLY A 236 38.47 -15.33 -9.21
C GLY A 236 37.29 -15.97 -8.51
N PHE A 237 36.08 -15.74 -9.04
CA PHE A 237 34.91 -16.45 -8.53
C PHE A 237 35.09 -17.96 -8.67
N LYS A 238 35.69 -18.40 -9.77
CA LYS A 238 35.87 -19.82 -10.03
C LYS A 238 37.07 -20.42 -9.31
N LYS A 239 38.07 -19.61 -8.95
CA LYS A 239 39.20 -20.10 -8.18
C LYS A 239 38.91 -20.22 -6.69
N ILE A 240 37.72 -19.83 -6.24
CA ILE A 240 37.42 -19.84 -4.81
C ILE A 240 37.61 -21.21 -4.17
N PRO A 241 37.06 -22.31 -4.71
CA PRO A 241 37.18 -23.59 -4.00
C PRO A 241 38.61 -24.03 -3.77
N LYS A 242 39.49 -23.88 -4.77
CA LYS A 242 40.86 -24.33 -4.62
C LYS A 242 41.70 -23.31 -3.85
N THR A 243 41.66 -22.05 -4.26
CA THR A 243 42.52 -21.03 -3.64
C THR A 243 42.17 -20.83 -2.17
N LEU A 244 40.88 -20.88 -1.84
CA LEU A 244 40.42 -20.69 -0.47
C LEU A 244 40.06 -22.01 0.22
N GLY A 245 40.72 -23.11 -0.18
CA GLY A 245 40.35 -24.42 0.34
C GLY A 245 40.38 -24.50 1.85
N PHE A 246 41.31 -23.79 2.49
CA PHE A 246 41.39 -23.80 3.94
C PHE A 246 40.09 -23.36 4.59
N LEU A 247 39.21 -22.66 3.86
CA LEU A 247 37.90 -22.31 4.38
C LEU A 247 36.95 -23.49 4.45
N ASN A 248 37.36 -24.66 3.97
CA ASN A 248 36.52 -25.86 4.10
C ASN A 248 36.18 -26.14 5.55
N LYS A 249 36.95 -25.60 6.49
CA LYS A 249 36.67 -25.78 7.91
C LYS A 249 35.27 -25.30 8.27
N ILE A 250 34.82 -24.20 7.68
CA ILE A 250 33.56 -23.58 8.07
C ILE A 250 32.51 -23.57 6.98
N THR A 251 32.84 -23.92 5.74
CA THR A 251 31.84 -23.87 4.68
C THR A 251 32.25 -24.79 3.54
N ASN A 252 31.26 -25.16 2.72
CA ASN A 252 31.49 -25.95 1.51
C ASN A 252 31.54 -24.99 0.33
N LEU A 253 32.75 -24.70 -0.14
CA LEU A 253 32.95 -23.77 -1.25
C LEU A 253 32.39 -24.29 -2.57
N ASN A 254 31.92 -25.53 -2.62
CA ASN A 254 31.37 -26.12 -3.84
C ASN A 254 29.85 -26.10 -3.88
N GLU A 255 29.19 -25.64 -2.81
CA GLU A 255 27.75 -25.53 -2.76
C GLU A 255 27.39 -24.06 -2.90
N ASN A 256 27.12 -23.64 -4.12
CA ASN A 256 26.87 -22.23 -4.41
C ASN A 256 25.47 -21.82 -3.95
N TYR A 257 25.26 -20.52 -3.89
CA TYR A 257 23.97 -19.93 -3.53
C TYR A 257 23.20 -19.68 -4.83
N GLN A 258 22.13 -20.45 -5.03
CA GLN A 258 21.29 -20.24 -6.21
C GLN A 258 19.91 -19.73 -5.80
N ASP A 261 13.30 -18.84 -8.06
CA ASP A 261 12.91 -18.34 -9.37
C ASP A 261 12.42 -16.90 -9.28
N GLY A 262 11.63 -16.62 -8.25
CA GLY A 262 11.04 -15.30 -8.09
C GLY A 262 11.66 -14.49 -6.98
N TYR A 263 12.96 -14.65 -6.75
CA TYR A 263 13.68 -13.87 -5.75
C TYR A 263 14.51 -12.75 -6.38
N LYS A 264 14.34 -12.50 -7.67
CA LYS A 264 14.96 -11.36 -8.33
C LYS A 264 13.91 -10.76 -9.26
N ILE A 265 13.51 -9.52 -8.98
CA ILE A 265 12.51 -8.83 -9.79
C ILE A 265 13.15 -7.60 -10.42
N PHE A 266 12.81 -7.37 -11.70
CA PHE A 266 13.28 -6.21 -12.43
C PHE A 266 12.27 -5.08 -12.29
N ILE A 267 12.72 -3.93 -11.83
CA ILE A 267 11.85 -2.79 -11.57
C ILE A 267 11.87 -1.87 -12.78
N ASN A 268 10.69 -1.58 -13.33
CA ASN A 268 10.54 -0.77 -14.53
C ASN A 268 10.22 0.67 -14.10
N VAL A 269 11.13 1.59 -14.42
CA VAL A 269 11.00 3.00 -14.03
C VAL A 269 10.64 3.80 -15.27
N ILE A 270 9.45 4.39 -15.27
CA ILE A 270 8.96 5.22 -16.37
C ILE A 270 8.90 6.66 -15.88
N TYR A 271 9.50 7.56 -16.66
CA TYR A 271 9.47 8.99 -16.35
C TYR A 271 8.28 9.64 -17.07
N LYS A 272 7.56 10.49 -16.34
CA LYS A 272 6.45 11.26 -16.90
C LYS A 272 6.91 12.68 -17.16
N PHE A 273 6.99 13.06 -18.43
CA PHE A 273 7.29 14.42 -18.83
C PHE A 273 5.99 15.13 -19.19
N LYS A 274 6.10 16.31 -19.81
CA LYS A 274 4.90 17.07 -20.14
C LYS A 274 4.12 16.43 -21.29
N ASN A 275 4.82 16.09 -22.38
CA ASN A 275 4.15 15.64 -23.59
C ASN A 275 4.47 14.18 -23.94
N GLY A 276 4.97 13.41 -22.98
CA GLY A 276 5.26 12.02 -23.25
C GLY A 276 5.86 11.34 -22.05
N GLU A 277 6.15 10.05 -22.22
CA GLU A 277 6.75 9.22 -21.19
C GLU A 277 7.92 8.45 -21.80
N SER A 278 8.82 8.00 -20.93
CA SER A 278 9.98 7.25 -21.38
C SER A 278 10.66 6.60 -20.19
N ARG A 279 11.42 5.55 -20.49
CA ARG A 279 12.35 4.96 -19.52
C ARG A 279 13.71 5.64 -19.53
N TYR A 280 13.94 6.54 -20.48
CA TYR A 280 15.21 7.26 -20.61
C TYR A 280 15.01 8.68 -20.14
N ALA A 281 15.75 9.06 -19.09
CA ALA A 281 15.65 10.43 -18.59
C ALA A 281 15.97 11.46 -19.66
N LYS A 282 16.87 11.12 -20.61
CA LYS A 282 17.26 12.03 -21.66
C LYS A 282 16.12 12.37 -22.62
N ASP A 283 15.05 11.56 -22.64
CA ASP A 283 13.87 11.95 -23.40
C ASP A 283 13.17 13.17 -22.84
N VAL A 284 13.66 13.74 -21.73
CA VAL A 284 13.11 14.99 -21.23
C VAL A 284 13.19 16.07 -22.30
N PHE A 285 14.20 16.01 -23.17
CA PHE A 285 14.33 16.97 -24.26
C PHE A 285 13.36 16.70 -25.40
N LYS A 286 12.75 15.51 -25.45
CA LYS A 286 11.69 15.23 -26.41
C LYS A 286 10.33 15.72 -25.95
N TYR A 287 10.04 15.60 -24.65
CA TYR A 287 8.69 15.79 -24.14
C TYR A 287 8.59 16.89 -23.09
N SER A 288 9.69 17.62 -22.85
CA SER A 288 9.72 18.83 -22.04
C SER A 288 9.54 18.53 -20.55
N PHE A 289 9.92 19.49 -19.70
CA PHE A 289 9.69 19.36 -18.26
C PHE A 289 8.22 19.06 -17.98
N TYR A 290 7.99 18.16 -17.01
CA TYR A 290 6.63 17.93 -16.54
C TYR A 290 5.95 19.23 -16.14
N LYS A 291 6.68 20.12 -15.49
CA LYS A 291 6.17 21.43 -15.11
C LYS A 291 7.27 22.46 -15.31
N ASN A 292 6.98 23.50 -16.08
CA ASN A 292 7.91 24.60 -16.27
C ASN A 292 7.13 25.90 -16.47
N GLU A 293 7.07 26.39 -17.70
CA GLU A 293 6.44 27.67 -18.03
C GLU A 293 7.07 28.81 -17.25
N GLN A 294 8.33 28.65 -16.85
CA GLN A 294 9.06 29.62 -16.05
C GLN A 294 10.16 30.27 -16.89
N PRO A 295 10.54 31.51 -16.57
CA PRO A 295 11.65 32.14 -17.29
C PRO A 295 12.98 31.64 -16.76
N LEU A 296 13.94 31.51 -17.68
CA LEU A 296 15.33 31.22 -17.35
C LEU A 296 16.12 32.53 -17.44
N LYS A 297 16.52 33.04 -16.28
CA LYS A 297 17.24 34.30 -16.18
C LYS A 297 18.67 34.03 -15.72
N ALA A 298 19.63 34.79 -16.25
CA ALA A 298 21.02 34.49 -15.97
C ALA A 298 21.89 35.72 -16.18
N ILE A 299 23.03 35.73 -15.47
CA ILE A 299 24.11 36.69 -15.71
C ILE A 299 25.42 35.91 -15.69
N PHE A 300 26.48 36.56 -16.15
CA PHE A 300 27.78 35.92 -16.36
C PHE A 300 28.83 36.51 -15.44
N PHE A 301 29.70 35.65 -14.91
CA PHE A 301 30.85 36.06 -14.11
C PHE A 301 32.11 35.47 -14.73
N PHE A 302 33.08 36.33 -15.05
CA PHE A 302 34.35 35.91 -15.62
C PHE A 302 35.48 36.23 -14.64
N SER A 303 36.52 35.40 -14.67
CA SER A 303 37.65 35.61 -13.77
C SER A 303 38.53 36.77 -14.20
N SER A 304 38.41 37.22 -15.46
CA SER A 304 39.21 38.32 -15.97
C SER A 304 38.65 38.72 -17.33
N LYS A 305 39.03 39.93 -17.77
CA LYS A 305 38.75 40.31 -19.15
C LYS A 305 39.38 39.34 -20.13
N LYS A 306 40.60 38.86 -19.83
CA LYS A 306 41.27 37.93 -20.72
C LYS A 306 40.45 36.67 -20.91
N GLN A 307 39.96 36.09 -19.81
CA GLN A 307 39.16 34.86 -19.91
C GLN A 307 37.94 35.09 -20.79
N PHE A 308 37.30 36.26 -20.68
CA PHE A 308 36.16 36.57 -21.54
C PHE A 308 36.56 36.50 -23.00
N PHE A 309 37.67 37.15 -23.36
CA PHE A 309 38.08 37.17 -24.77
C PHE A 309 38.52 35.78 -25.24
N GLU A 310 39.04 34.96 -24.33
CA GLU A 310 39.42 33.60 -24.71
C GLU A 310 38.21 32.79 -25.16
N VAL A 311 37.02 33.09 -24.64
CA VAL A 311 35.83 32.31 -24.90
C VAL A 311 34.76 33.12 -25.64
N GLN A 312 35.12 34.30 -26.15
CA GLN A 312 34.12 35.18 -26.74
C GLN A 312 33.43 34.56 -27.95
N LYS A 313 34.20 33.86 -28.79
CA LYS A 313 33.61 33.21 -29.96
C LYS A 313 32.55 32.20 -29.54
N SER A 314 32.87 31.35 -28.56
CA SER A 314 31.89 30.38 -28.08
C SER A 314 30.72 31.08 -27.39
N LEU A 315 30.99 32.12 -26.61
CA LEU A 315 29.92 32.89 -26.01
C LEU A 315 28.96 33.43 -27.06
N LYS A 316 29.50 33.93 -28.17
CA LYS A 316 28.64 34.40 -29.26
C LYS A 316 27.84 33.25 -29.86
N GLU A 317 28.52 32.13 -30.16
CA GLU A 317 27.83 30.99 -30.75
C GLU A 317 26.72 30.48 -29.84
N LEU A 318 26.93 30.55 -28.52
CA LEU A 318 25.95 29.99 -27.59
C LEU A 318 24.82 30.98 -27.30
N PHE A 319 25.15 32.26 -27.11
CA PHE A 319 24.18 33.20 -26.56
C PHE A 319 23.82 34.37 -27.47
N HIS A 320 24.60 34.64 -28.52
CA HIS A 320 24.21 35.65 -29.49
C HIS A 320 23.35 35.07 -30.61
N ASN A 321 23.47 33.78 -30.89
CA ASN A 321 22.55 33.07 -31.76
C ASN A 321 21.37 32.60 -30.93
N LYS A 322 20.22 33.29 -31.08
CA LYS A 322 19.02 32.94 -30.32
C LYS A 322 18.43 31.58 -30.69
N HIS A 323 19.11 30.82 -31.55
CA HIS A 323 18.70 29.46 -31.90
C HIS A 323 19.84 28.46 -31.70
N SER A 324 20.81 28.81 -30.85
CA SER A 324 21.90 27.91 -30.51
C SER A 324 21.39 26.69 -29.75
N VAL A 325 22.28 25.74 -29.48
CA VAL A 325 21.91 24.56 -28.70
C VAL A 325 21.45 24.96 -27.30
N PHE A 326 22.01 26.05 -26.75
CA PHE A 326 21.57 26.51 -25.44
C PHE A 326 20.11 26.94 -25.46
N TYR A 327 19.71 27.71 -26.48
CA TYR A 327 18.34 28.18 -26.56
C TYR A 327 17.38 27.07 -26.96
N ARG A 328 17.83 26.14 -27.80
CA ARG A 328 16.97 25.00 -28.15
C ARG A 328 16.76 24.09 -26.95
N ALA A 329 17.80 23.91 -26.13
CA ALA A 329 17.65 23.11 -24.91
C ALA A 329 16.63 23.74 -23.96
N ALA A 330 16.70 25.06 -23.78
CA ALA A 330 15.76 25.73 -22.88
C ALA A 330 14.34 25.67 -23.43
N ALA A 331 14.19 25.82 -24.74
CA ALA A 331 12.87 25.66 -25.36
C ALA A 331 12.37 24.22 -25.21
N GLU A 332 13.24 23.25 -25.50
CA GLU A 332 12.85 21.85 -25.40
C GLU A 332 12.45 21.47 -23.98
N LEU A 333 13.07 22.09 -22.98
CA LEU A 333 12.75 21.77 -21.60
C LEU A 333 11.53 22.53 -21.08
N GLY A 334 11.01 23.48 -21.84
CA GLY A 334 9.77 24.15 -21.48
C GLY A 334 9.90 25.50 -20.80
N PHE A 335 11.06 26.14 -20.89
CA PHE A 335 11.20 27.48 -20.33
C PHE A 335 10.41 28.48 -21.18
N SER A 336 9.66 29.36 -20.49
CA SER A 336 8.90 30.38 -21.21
C SER A 336 9.81 31.28 -22.02
N LYS A 337 10.96 31.67 -21.46
CA LYS A 337 11.90 32.49 -22.19
C LYS A 337 13.26 32.44 -21.50
N VAL A 338 14.27 32.87 -22.24
CA VAL A 338 15.64 33.02 -21.74
C VAL A 338 15.96 34.51 -21.71
N GLU A 339 16.45 34.98 -20.57
CA GLU A 339 16.69 36.41 -20.37
C GLU A 339 18.01 36.59 -19.65
N PHE A 340 18.93 37.32 -20.27
CA PHE A 340 20.18 37.69 -19.64
C PHE A 340 20.04 39.12 -19.12
N LEU A 341 19.97 39.25 -17.80
CA LEU A 341 19.77 40.55 -17.18
C LEU A 341 21.01 41.42 -17.37
N ARG A 342 20.79 42.70 -17.68
CA ARG A 342 21.89 43.62 -17.87
C ARG A 342 21.77 44.80 -16.92
N ASP A 343 22.91 45.19 -16.35
CA ASP A 343 22.99 46.35 -15.48
C ASP A 343 22.82 47.62 -16.30
N SER A 344 21.81 48.42 -15.96
CA SER A 344 21.56 49.65 -16.71
C SER A 344 22.78 50.58 -16.69
N LYS A 345 23.57 50.52 -15.61
CA LYS A 345 24.79 51.32 -15.51
C LYS A 345 25.81 50.88 -16.56
N THR A 346 26.29 49.64 -16.47
CA THR A 346 27.30 49.14 -17.39
C THR A 346 26.72 48.64 -18.71
N LYS A 347 25.39 48.56 -18.83
CA LYS A 347 24.71 48.07 -20.03
C LYS A 347 25.14 46.65 -20.42
N SER A 348 25.74 45.91 -19.49
CA SER A 348 26.27 44.59 -19.75
C SER A 348 25.61 43.56 -18.84
N SER A 349 25.56 42.32 -19.32
CA SER A 349 25.15 41.18 -18.52
C SER A 349 26.33 40.40 -17.98
N ALA A 350 27.54 40.94 -18.12
CA ALA A 350 28.77 40.24 -17.76
C ALA A 350 29.50 41.00 -16.66
N PHE A 351 30.07 40.26 -15.73
CA PHE A 351 30.71 40.84 -14.56
C PHE A 351 31.96 40.03 -14.24
N LEU A 352 32.82 40.61 -13.41
CA LEU A 352 34.06 39.96 -13.01
C LEU A 352 33.95 39.44 -11.58
N TYR A 353 34.72 38.39 -11.30
CA TYR A 353 34.94 37.96 -9.92
C TYR A 353 36.44 37.80 -9.72
N ASN A 354 36.86 37.91 -8.48
CA ASN A 354 38.26 37.76 -8.13
C ASN A 354 38.58 36.27 -8.02
N PRO A 355 39.32 35.69 -8.98
CA PRO A 355 39.60 34.26 -8.90
C PRO A 355 40.58 33.89 -7.81
N GLU A 356 41.33 34.86 -7.29
CA GLU A 356 42.27 34.62 -6.19
C GLU A 356 41.52 34.45 -4.87
N GLU A 357 40.59 35.36 -4.58
CA GLU A 357 39.81 35.34 -3.35
C GLU A 357 38.45 34.68 -3.51
N PHE A 358 38.00 34.46 -4.74
CA PHE A 358 36.65 33.95 -5.02
C PHE A 358 35.60 34.87 -4.42
N THR A 359 35.72 36.17 -4.73
CA THR A 359 34.85 37.20 -4.21
C THR A 359 34.23 37.98 -5.36
N VAL A 360 33.10 38.61 -5.07
CA VAL A 360 32.38 39.44 -6.03
C VAL A 360 32.10 40.79 -5.37
N LYS A 361 32.29 41.86 -6.12
CA LYS A 361 31.99 43.19 -5.61
C LYS A 361 30.48 43.38 -5.59
N ASN A 362 29.94 43.72 -4.42
CA ASN A 362 28.51 43.97 -4.32
C ASN A 362 28.19 45.29 -5.01
N THR A 363 27.17 45.28 -5.85
CA THR A 363 26.73 46.46 -6.57
C THR A 363 25.23 46.64 -6.38
N GLU A 364 24.73 47.81 -6.76
CA GLU A 364 23.29 48.03 -6.72
C GLU A 364 22.56 47.00 -7.58
N PHE A 365 23.03 46.81 -8.81
CA PHE A 365 22.38 45.88 -9.73
C PHE A 365 22.37 44.46 -9.17
N ILE A 366 23.52 43.98 -8.71
CA ILE A 366 23.60 42.63 -8.17
C ILE A 366 22.74 42.51 -6.93
N ASN A 367 22.78 43.52 -6.05
CA ASN A 367 22.04 43.44 -4.79
C ASN A 367 20.53 43.46 -5.02
N GLN A 368 20.07 44.19 -6.03
CA GLN A 368 18.64 44.27 -6.30
C GLN A 368 18.10 43.07 -7.06
N ILE A 369 18.96 42.14 -7.46
CA ILE A 369 18.49 40.96 -8.19
C ILE A 369 17.59 40.15 -7.27
N GLU A 370 16.37 39.90 -7.73
CA GLU A 370 15.42 39.07 -7.02
C GLU A 370 15.09 37.84 -7.87
N ASP A 371 14.25 36.97 -7.31
CA ASP A 371 13.79 35.76 -8.00
C ASP A 371 14.94 34.82 -8.31
N ASN A 372 14.69 33.86 -9.22
CA ASN A 372 15.68 32.85 -9.58
C ASN A 372 16.53 33.38 -10.73
N VAL A 373 17.81 33.64 -10.46
CA VAL A 373 18.74 34.10 -11.48
C VAL A 373 20.00 33.27 -11.37
N MET A 374 20.37 32.63 -12.48
CA MET A 374 21.56 31.79 -12.52
C MET A 374 22.81 32.66 -12.67
N ALA A 375 23.85 32.34 -11.92
CA ALA A 375 25.15 32.96 -12.07
C ALA A 375 26.03 31.99 -12.83
N ILE A 376 26.19 32.23 -14.13
CA ILE A 376 27.09 31.43 -14.98
C ILE A 376 28.50 31.91 -14.68
N VAL A 377 29.23 31.13 -13.88
CA VAL A 377 30.54 31.52 -13.39
C VAL A 377 31.57 30.66 -14.11
N LEU A 378 32.41 31.29 -14.91
CA LEU A 378 33.40 30.56 -15.70
C LEU A 378 34.64 30.30 -14.85
N LEU A 379 34.96 29.02 -14.67
CA LEU A 379 36.15 28.60 -13.94
C LEU A 379 37.29 28.34 -14.92
N ASP A 380 38.47 28.85 -14.59
CA ASP A 380 39.63 28.63 -15.47
C ASP A 380 40.07 27.18 -15.46
N LYS A 381 39.91 26.49 -14.34
CA LYS A 381 40.32 25.10 -14.20
C LYS A 381 39.50 24.49 -13.06
N TYR A 382 39.56 23.17 -12.95
CA TYR A 382 38.91 22.50 -11.82
C TYR A 382 39.52 22.99 -10.53
N ILE A 383 38.67 23.42 -9.60
CA ILE A 383 39.10 24.04 -8.36
C ILE A 383 39.14 22.99 -7.26
N GLY A 384 40.30 22.87 -6.61
CA GLY A 384 40.43 21.88 -5.56
C GLY A 384 39.62 22.21 -4.32
N ASN A 385 39.55 23.49 -3.97
CA ASN A 385 38.76 23.95 -2.83
C ASN A 385 37.78 25.01 -3.31
N ILE A 386 36.55 24.56 -3.63
CA ILE A 386 35.54 25.47 -4.15
C ILE A 386 34.66 26.06 -3.05
N ASP A 387 34.88 25.67 -1.79
CA ASP A 387 34.10 26.22 -0.68
C ASP A 387 34.10 27.75 -0.64
N PRO A 388 35.24 28.45 -0.77
CA PRO A 388 35.18 29.92 -0.73
C PRO A 388 34.25 30.52 -1.77
N LEU A 389 34.26 29.99 -3.00
CA LEU A 389 33.39 30.51 -4.04
C LEU A 389 31.93 30.45 -3.62
N VAL A 390 31.49 29.30 -3.12
CA VAL A 390 30.12 29.17 -2.63
C VAL A 390 29.91 30.07 -1.41
N ARG A 391 30.89 30.09 -0.50
CA ARG A 391 30.74 30.79 0.77
C ARG A 391 30.63 32.30 0.58
N ASN A 392 31.39 32.85 -0.37
CA ASN A 392 31.46 34.31 -0.55
C ASN A 392 30.51 34.83 -1.62
N PHE A 393 29.88 33.95 -2.40
CA PHE A 393 29.03 34.38 -3.48
C PHE A 393 27.75 35.02 -2.94
N PRO A 394 27.20 36.00 -3.65
CA PRO A 394 25.94 36.61 -3.21
C PRO A 394 24.84 35.55 -3.10
N ASP A 395 24.11 35.59 -1.98
CA ASP A 395 23.14 34.56 -1.68
C ASP A 395 21.86 34.68 -2.49
N ASN A 396 21.62 35.83 -3.13
CA ASN A 396 20.44 35.98 -3.97
C ASN A 396 20.64 35.44 -5.38
N LEU A 397 21.80 34.86 -5.67
CA LEU A 397 22.09 34.26 -6.97
C LEU A 397 22.24 32.76 -6.83
N ILE A 398 21.83 32.04 -7.87
CA ILE A 398 21.96 30.59 -7.94
C ILE A 398 23.29 30.30 -8.63
N LEU A 399 24.27 29.89 -7.84
CA LEU A 399 25.62 29.69 -8.34
C LEU A 399 25.66 28.51 -9.31
N GLN A 400 26.10 28.76 -10.54
CA GLN A 400 26.14 27.74 -11.60
C GLN A 400 27.50 27.78 -12.28
N PRO A 401 28.54 27.23 -11.66
CA PRO A 401 29.86 27.27 -12.27
C PRO A 401 30.00 26.30 -13.43
N ILE A 402 30.91 26.62 -14.34
CA ILE A 402 31.20 25.75 -15.48
C ILE A 402 32.65 25.99 -15.92
N LEU A 403 33.33 24.91 -16.28
CA LEU A 403 34.72 25.00 -16.70
C LEU A 403 34.83 25.75 -18.02
N LYS A 404 35.78 26.69 -18.08
CA LYS A 404 36.03 27.45 -19.31
C LYS A 404 36.26 26.53 -20.50
N GLU A 405 36.98 25.43 -20.29
CA GLU A 405 37.28 24.52 -21.40
C GLU A 405 36.03 23.88 -21.97
N LYS A 406 35.02 23.63 -21.13
CA LYS A 406 33.79 23.04 -21.62
C LYS A 406 32.91 24.05 -22.34
N LEU A 407 33.09 25.34 -22.08
CA LEU A 407 32.46 26.35 -22.93
C LEU A 407 33.23 26.57 -24.22
N GLU A 408 34.53 26.28 -24.22
CA GLU A 408 35.34 26.49 -25.41
C GLU A 408 35.00 25.49 -26.51
N ASP A 409 34.74 24.23 -26.15
CA ASP A 409 34.55 23.18 -27.15
C ASP A 409 33.09 22.89 -27.46
N ILE A 410 32.17 23.21 -26.56
CA ILE A 410 30.73 23.18 -26.82
C ILE A 410 30.30 21.80 -27.30
N LYS A 411 30.32 20.83 -26.38
CA LYS A 411 29.70 19.53 -26.66
C LYS A 411 28.22 19.62 -26.33
N PRO A 412 27.32 19.36 -27.27
CA PRO A 412 25.88 19.61 -27.02
C PRO A 412 25.33 18.94 -25.78
N PHE A 413 25.70 17.69 -25.50
CA PHE A 413 25.13 17.02 -24.33
C PHE A 413 25.54 17.71 -23.04
N ILE A 414 26.69 18.39 -23.04
CA ILE A 414 27.11 19.13 -21.86
C ILE A 414 26.27 20.39 -21.68
N ILE A 415 26.08 21.15 -22.77
CA ILE A 415 25.25 22.35 -22.67
C ILE A 415 23.81 21.97 -22.34
N LYS A 416 23.30 20.90 -22.95
CA LYS A 416 21.97 20.41 -22.61
C LYS A 416 21.88 20.07 -21.13
N SER A 417 22.87 19.35 -20.61
CA SER A 417 22.89 19.00 -19.20
C SER A 417 22.94 20.23 -18.30
N TYR A 418 23.76 21.21 -18.69
CA TYR A 418 23.87 22.47 -17.96
C TYR A 418 22.52 23.16 -17.83
N VAL A 419 21.75 23.22 -18.93
CA VAL A 419 20.45 23.84 -18.89
C VAL A 419 19.48 23.00 -18.06
N TYR A 420 19.60 21.68 -18.13
CA TYR A 420 18.77 20.82 -17.30
C TYR A 420 19.01 21.10 -15.82
N LYS A 421 20.28 21.19 -15.42
CA LYS A 421 20.62 21.49 -14.03
C LYS A 421 19.99 22.80 -13.58
N MET A 422 20.05 23.82 -14.45
CA MET A 422 19.43 25.11 -14.12
C MET A 422 17.94 24.94 -13.85
N GLY A 423 17.23 24.20 -14.72
CA GLY A 423 15.84 23.91 -14.47
C GLY A 423 15.65 23.17 -13.16
N ASN A 424 16.51 22.20 -12.89
CA ASN A 424 16.47 21.46 -11.63
C ASN A 424 16.58 22.39 -10.42
N PHE A 425 17.30 23.51 -10.57
CA PHE A 425 17.54 24.43 -9.46
C PHE A 425 16.47 25.52 -9.35
N ILE A 426 15.47 25.52 -10.22
CA ILE A 426 14.35 26.45 -10.12
C ILE A 426 13.21 25.73 -9.39
N PRO A 427 12.84 26.15 -8.18
CA PRO A 427 11.84 25.39 -7.42
C PRO A 427 10.46 25.35 -8.06
N GLU A 428 10.12 26.31 -8.91
CA GLU A 428 8.83 26.24 -9.59
C GLU A 428 8.82 25.27 -10.76
N CYS A 429 9.95 24.65 -11.06
CA CYS A 429 10.03 23.65 -12.13
C CYS A 429 9.99 22.24 -11.56
N LYS A 430 9.60 21.30 -12.40
CA LYS A 430 9.65 19.87 -12.08
C LYS A 430 10.00 19.14 -13.36
N PRO A 431 11.24 18.68 -13.50
CA PRO A 431 11.62 17.99 -14.75
C PRO A 431 10.76 16.78 -15.08
N PHE A 432 10.30 16.04 -14.07
CA PHE A 432 9.52 14.83 -14.28
C PHE A 432 8.98 14.37 -12.93
N ILE A 433 7.93 13.55 -13.00
CA ILE A 433 7.51 12.77 -11.85
C ILE A 433 7.52 11.30 -12.26
N LEU A 434 7.76 10.43 -11.29
CA LEU A 434 7.78 9.00 -11.58
C LEU A 434 6.35 8.47 -11.66
N LYS A 435 6.08 7.67 -12.70
CA LYS A 435 4.74 7.15 -12.90
C LYS A 435 4.26 6.38 -11.68
N LYS A 436 5.13 5.57 -11.09
CA LYS A 436 4.78 4.76 -9.93
C LYS A 436 4.80 5.55 -8.62
N MET A 437 5.37 6.75 -8.61
CA MET A 437 5.36 7.60 -7.41
C MET A 437 4.22 8.61 -7.39
N GLU A 438 3.42 8.68 -8.45
CA GLU A 438 2.40 9.74 -8.54
C GLU A 438 1.38 9.64 -7.43
N ASP A 439 1.17 8.47 -6.84
CA ASP A 439 0.18 8.33 -5.79
C ASP A 439 0.81 8.14 -4.41
N LYS A 440 2.04 8.61 -4.23
CA LYS A 440 2.77 8.42 -2.96
C LYS A 440 2.98 9.72 -2.20
N GLU A 441 2.12 10.73 -2.42
CA GLU A 441 2.30 12.02 -1.76
C GLU A 441 2.14 11.92 -0.24
N LYS A 442 1.41 10.91 0.24
CA LYS A 442 1.10 10.80 1.65
C LYS A 442 2.31 10.39 2.49
N ASN A 443 3.45 10.12 1.88
CA ASN A 443 4.61 9.59 2.59
C ASN A 443 5.70 10.65 2.70
N LEU A 444 6.43 10.60 3.82
CA LEU A 444 7.54 11.51 4.09
C LEU A 444 8.82 10.69 4.07
N TYR A 445 9.65 10.93 3.06
CA TYR A 445 10.89 10.19 2.87
C TYR A 445 12.05 10.97 3.47
N ILE A 446 12.71 10.38 4.47
CA ILE A 446 13.75 11.02 5.24
C ILE A 446 15.01 10.18 5.17
N GLY A 447 16.15 10.83 4.94
CA GLY A 447 17.45 10.17 4.95
C GLY A 447 18.27 10.65 6.13
N ILE A 448 19.03 9.74 6.73
CA ILE A 448 19.79 10.01 7.93
C ILE A 448 21.25 9.62 7.70
N ASP A 449 22.14 10.59 7.82
CA ASP A 449 23.59 10.36 7.80
C ASP A 449 24.14 10.78 9.17
N LEU A 450 24.58 9.80 9.95
CA LEU A 450 25.06 10.04 11.31
C LEU A 450 26.27 9.17 11.57
N SER A 451 27.41 9.79 11.87
CA SER A 451 28.65 9.08 12.10
C SER A 451 29.27 9.53 13.42
N HIS A 452 30.11 8.65 13.98
CA HIS A 452 30.80 8.91 15.24
C HIS A 452 32.27 8.58 15.08
N ASP A 453 33.13 9.57 15.31
CA ASP A 453 34.57 9.36 15.24
C ASP A 453 35.26 9.76 16.55
N ALA A 456 39.17 10.71 18.53
CA ALA A 456 38.28 11.82 18.88
C ALA A 456 37.02 11.29 19.55
N ARG A 457 36.16 12.20 20.00
CA ARG A 457 34.91 11.85 20.68
C ARG A 457 33.79 12.77 20.19
N LYS A 458 33.59 12.82 18.88
CA LYS A 458 32.65 13.73 18.26
C LYS A 458 31.62 12.97 17.44
N THR A 459 30.54 13.66 17.09
CA THR A 459 29.41 13.08 16.36
C THR A 459 28.98 14.02 15.23
N ASN A 460 28.67 13.45 14.07
CA ASN A 460 28.33 14.22 12.88
C ASN A 460 26.97 13.74 12.36
N LEU A 461 26.04 14.68 12.17
CA LEU A 461 24.65 14.38 11.86
C LEU A 461 24.17 15.24 10.70
N CYS A 462 23.40 14.64 9.80
CA CYS A 462 22.72 15.36 8.73
C CYS A 462 21.48 14.57 8.31
N ILE A 463 20.35 15.27 8.16
CA ILE A 463 19.10 14.65 7.74
C ILE A 463 18.54 15.41 6.55
N ALA A 464 17.77 14.70 5.72
CA ALA A 464 17.17 15.27 4.53
C ALA A 464 15.81 14.62 4.29
N ALA A 465 14.80 15.45 4.04
CA ALA A 465 13.44 14.97 3.79
C ALA A 465 12.97 15.43 2.42
N VAL A 466 12.27 14.55 1.70
CA VAL A 466 11.74 14.86 0.38
C VAL A 466 10.33 14.28 0.25
N ASP A 467 9.61 14.75 -0.75
CA ASP A 467 8.27 14.25 -1.03
C ASP A 467 8.32 13.27 -2.21
N ASN A 468 7.14 12.84 -2.66
CA ASN A 468 7.04 11.85 -3.72
C ASN A 468 7.53 12.38 -5.07
N THR A 469 7.62 13.69 -5.23
CA THR A 469 8.06 14.30 -6.49
C THR A 469 9.55 14.60 -6.52
N GLY A 470 10.25 14.39 -5.41
CA GLY A 470 11.65 14.75 -5.33
C GLY A 470 11.92 16.14 -4.81
N ASP A 471 10.89 16.93 -4.50
CA ASP A 471 11.10 18.22 -3.86
C ASP A 471 11.74 18.00 -2.49
N ILE A 472 12.77 18.78 -2.19
CA ILE A 472 13.43 18.69 -0.91
C ILE A 472 12.64 19.52 0.10
N LEU A 473 12.12 18.84 1.14
CA LEU A 473 11.31 19.53 2.14
C LEU A 473 12.17 20.20 3.21
N TYR A 474 13.31 19.60 3.55
CA TYR A 474 14.11 20.10 4.65
C TYR A 474 15.46 19.39 4.63
N ILE A 475 16.49 20.13 5.04
CA ILE A 475 17.83 19.59 5.28
C ILE A 475 18.33 20.15 6.59
N GLY A 476 18.81 19.28 7.47
CA GLY A 476 19.40 19.70 8.72
C GLY A 476 20.78 19.10 8.88
N LYS A 477 21.69 19.90 9.42
CA LYS A 477 23.09 19.50 9.58
C LYS A 477 23.64 20.05 10.88
N HIS A 478 24.41 19.23 11.58
CA HIS A 478 25.06 19.62 12.83
C HIS A 478 26.48 19.09 12.81
N LYS A 479 27.44 19.94 13.17
CA LYS A 479 28.85 19.62 13.11
C LYS A 479 29.44 19.53 14.51
N ASN A 480 30.28 18.51 14.71
CA ASN A 480 31.08 18.33 15.92
C ASN A 480 30.21 18.39 17.19
N LEU A 481 29.30 17.43 17.28
CA LEU A 481 28.55 17.18 18.50
C LEU A 481 29.34 16.25 19.40
N GLU A 482 29.26 16.48 20.72
CA GLU A 482 29.96 15.63 21.67
C GLU A 482 29.38 14.22 21.63
N LEU A 483 30.25 13.22 21.49
CA LEU A 483 29.81 11.84 21.39
C LEU A 483 29.13 11.39 22.67
N ASN A 484 27.80 11.36 22.64
CA ASN A 484 27.00 10.92 23.80
C ASN A 484 25.66 10.47 23.26
N GLU A 485 25.36 9.18 23.42
CA GLU A 485 24.13 8.59 22.92
C GLU A 485 22.92 9.46 23.24
N LYS A 486 22.79 9.85 24.51
CA LYS A 486 21.61 10.57 24.93
C LYS A 486 21.52 11.95 24.29
N MET A 487 22.66 12.66 24.22
CA MET A 487 22.61 13.98 23.60
C MET A 487 22.37 13.86 22.10
N ASN A 488 22.98 12.86 21.45
CA ASN A 488 22.87 12.73 20.01
C ASN A 488 21.44 12.39 19.58
N LEU A 489 20.74 11.58 20.35
CA LEU A 489 19.37 11.21 20.02
C LEU A 489 18.37 12.32 20.31
N ASP A 490 18.71 13.23 21.22
CA ASP A 490 17.88 14.41 21.39
C ASP A 490 17.88 15.26 20.13
N ILE A 491 19.07 15.56 19.61
CA ILE A 491 19.19 16.37 18.40
C ILE A 491 18.54 15.67 17.22
N LEU A 492 18.73 14.35 17.12
CA LEU A 492 18.06 13.58 16.07
C LEU A 492 16.56 13.81 16.10
N GLU A 493 15.95 13.67 17.28
CA GLU A 493 14.52 13.92 17.41
C GLU A 493 14.16 15.34 16.98
N LYS A 494 14.98 16.32 17.37
CA LYS A 494 14.68 17.71 17.06
C LYS A 494 14.67 17.95 15.56
N GLU A 495 15.71 17.50 14.86
CA GLU A 495 15.75 17.64 13.40
C GLU A 495 14.62 16.87 12.75
N TYR A 496 14.30 15.68 13.27
CA TYR A 496 13.20 14.90 12.71
C TYR A 496 11.88 15.65 12.83
N ILE A 497 11.64 16.26 14.00
CA ILE A 497 10.41 17.05 14.19
C ILE A 497 10.38 18.22 13.21
N LYS A 498 11.54 18.81 12.93
CA LYS A 498 11.61 19.92 11.99
C LYS A 498 11.18 19.48 10.59
N ALA A 499 11.73 18.35 10.12
CA ALA A 499 11.34 17.83 8.81
C ALA A 499 9.86 17.48 8.79
N PHE A 500 9.36 16.87 9.86
CA PHE A 500 7.94 16.58 9.99
C PHE A 500 7.10 17.84 9.79
N GLU A 501 7.49 18.92 10.48
CA GLU A 501 6.72 20.16 10.39
C GLU A 501 6.74 20.73 8.98
N LYS A 502 7.88 20.59 8.29
CA LYS A 502 7.99 21.07 6.90
C LYS A 502 6.96 20.38 6.01
N TYR A 503 6.80 19.05 6.16
CA TYR A 503 5.78 18.34 5.40
C TYR A 503 4.40 18.92 5.69
N ILE A 504 4.02 18.98 6.96
CA ILE A 504 2.77 19.62 7.35
C ILE A 504 2.71 21.03 6.78
N GLU A 505 3.81 21.78 6.91
CA GLU A 505 3.88 23.13 6.37
C GLU A 505 3.59 23.14 4.87
N LYS A 506 4.03 22.11 4.15
CA LYS A 506 3.76 22.06 2.73
C LYS A 506 2.41 21.44 2.39
N PHE A 507 1.96 20.44 3.16
CA PHE A 507 0.78 19.68 2.77
C PHE A 507 -0.40 19.86 3.72
N ASN A 508 -0.25 20.62 4.80
CA ASN A 508 -1.34 20.95 5.74
C ASN A 508 -1.99 19.70 6.33
N VAL A 509 -1.31 18.56 6.26
CA VAL A 509 -1.71 17.33 6.92
C VAL A 509 -0.45 16.61 7.35
N SER A 510 -0.54 15.82 8.41
CA SER A 510 0.57 14.96 8.77
C SER A 510 0.80 13.93 7.67
N PRO A 511 2.05 13.50 7.48
CA PRO A 511 2.29 12.37 6.59
C PRO A 511 1.67 11.11 7.17
N GLU A 512 0.98 10.35 6.32
CA GLU A 512 0.40 9.11 6.80
C GLU A 512 1.48 8.07 7.11
N ASN A 513 2.58 8.09 6.34
CA ASN A 513 3.69 7.19 6.56
C ASN A 513 4.99 7.96 6.50
N VAL A 514 5.98 7.50 7.25
CA VAL A 514 7.29 8.15 7.34
C VAL A 514 8.37 7.10 7.11
N PHE A 515 9.16 7.29 6.06
CA PHE A 515 10.25 6.39 5.72
C PHE A 515 11.54 6.97 6.27
N ILE A 516 12.19 6.25 7.18
CA ILE A 516 13.46 6.66 7.76
C ILE A 516 14.52 5.74 7.19
N LEU A 517 15.32 6.27 6.25
CA LEU A 517 16.39 5.53 5.62
C LEU A 517 17.72 5.94 6.26
N ARG A 518 18.46 4.96 6.74
CA ARG A 518 19.68 5.19 7.49
C ARG A 518 20.89 4.73 6.69
N ASP A 519 21.92 5.59 6.63
CA ASP A 519 23.19 5.24 6.03
C ASP A 519 23.91 4.28 6.98
N GLY A 520 23.81 2.99 6.69
CA GLY A 520 24.33 1.98 7.58
C GLY A 520 23.25 1.44 8.50
N ARG A 521 23.71 0.91 9.64
CA ARG A 521 22.82 0.27 10.60
C ARG A 521 22.56 1.19 11.79
N PHE A 522 21.35 1.11 12.32
CA PHE A 522 20.99 1.83 13.54
C PHE A 522 21.80 1.26 14.71
N ILE A 523 22.73 2.05 15.23
CA ILE A 523 23.50 1.68 16.42
C ILE A 523 23.07 2.48 17.64
N GLU A 524 22.15 3.43 17.48
CA GLU A 524 21.62 4.20 18.59
C GLU A 524 20.60 3.37 19.36
N ASP A 525 20.10 3.93 20.45
CA ASP A 525 19.04 3.28 21.24
C ASP A 525 17.79 3.21 20.38
N ILE A 526 17.53 2.04 19.81
CA ILE A 526 16.50 1.93 18.77
C ILE A 526 15.11 2.16 19.35
N GLU A 527 14.87 1.72 20.59
CA GLU A 527 13.55 1.89 21.18
C GLU A 527 13.23 3.37 21.40
N ILE A 528 14.22 4.14 21.86
CA ILE A 528 14.04 5.58 21.99
C ILE A 528 13.64 6.18 20.65
N ILE A 529 14.37 5.84 19.59
CA ILE A 529 14.01 6.30 18.25
C ILE A 529 12.59 5.86 17.92
N LYS A 530 12.32 4.56 18.09
CA LYS A 530 11.03 3.98 17.72
C LYS A 530 9.87 4.80 18.25
N ASN A 531 9.97 5.28 19.50
CA ASN A 531 8.84 5.95 20.12
C ASN A 531 8.63 7.36 19.57
N PHE A 532 9.71 8.17 19.53
CA PHE A 532 9.51 9.56 19.13
C PHE A 532 9.29 9.71 17.63
N ILE A 533 9.61 8.68 16.84
CA ILE A 533 9.30 8.72 15.41
C ILE A 533 7.82 8.94 15.21
N SER A 534 7.01 8.47 16.15
CA SER A 534 5.56 8.67 16.13
C SER A 534 5.19 10.15 16.25
N ASP A 537 1.44 9.95 16.64
CA ASP A 537 0.68 8.82 16.12
C ASP A 537 0.85 8.67 14.61
N THR A 538 2.09 8.50 14.16
CA THR A 538 2.36 8.35 12.73
C THR A 538 2.96 6.99 12.46
N LYS A 539 2.52 6.37 11.35
CA LYS A 539 3.03 5.08 10.93
C LYS A 539 4.34 5.29 10.17
N TYR A 540 5.29 4.37 10.36
CA TYR A 540 6.65 4.58 9.88
C TYR A 540 7.28 3.25 9.52
N THR A 541 8.51 3.33 9.00
CA THR A 541 9.34 2.17 8.74
C THR A 541 10.79 2.57 8.94
N LEU A 542 11.57 1.68 9.53
CA LEU A 542 12.99 1.92 9.80
C LEU A 542 13.80 1.05 8.83
N VAL A 543 14.65 1.70 8.05
CA VAL A 543 15.36 1.06 6.94
C VAL A 543 16.85 1.29 7.09
N GLU A 544 17.62 0.21 6.99
CA GLU A 544 19.07 0.28 6.99
C GLU A 544 19.56 0.08 5.57
N VAL A 545 20.35 1.02 5.07
CA VAL A 545 20.87 1.00 3.71
C VAL A 545 22.39 0.86 3.77
N ASN A 546 22.92 -0.13 3.07
CA ASN A 546 24.35 -0.39 3.02
C ASN A 546 24.80 -0.24 1.57
N LYS A 547 25.38 0.92 1.25
CA LYS A 547 25.90 1.15 -0.10
C LYS A 547 27.15 0.33 -0.38
N ASN A 548 27.72 -0.32 0.63
CA ASN A 548 28.97 -1.07 0.49
C ASN A 548 28.77 -2.57 0.70
N THR A 549 27.63 -3.12 0.25
CA THR A 549 27.39 -4.53 0.44
C THR A 549 28.38 -5.35 -0.38
N ASN A 550 28.82 -6.47 0.19
CA ASN A 550 29.79 -7.35 -0.44
C ASN A 550 29.14 -8.45 -1.27
N ILE A 551 27.82 -8.53 -1.27
CA ILE A 551 27.12 -9.57 -2.01
C ILE A 551 27.03 -9.17 -3.48
N ASN A 552 27.50 -10.05 -4.35
CA ASN A 552 27.57 -9.71 -5.76
C ASN A 552 27.50 -11.00 -6.58
N SER A 553 27.90 -10.92 -7.84
CA SER A 553 27.78 -12.04 -8.77
C SER A 553 28.55 -11.73 -10.03
N TYR A 554 28.92 -12.79 -10.76
CA TYR A 554 29.42 -12.63 -12.12
C TYR A 554 28.30 -12.45 -13.13
N ASP A 555 27.06 -12.78 -12.76
CA ASP A 555 25.92 -12.46 -13.59
C ASP A 555 25.63 -10.96 -13.54
N ASP A 556 24.89 -10.49 -14.54
CA ASP A 556 24.50 -9.09 -14.61
C ASP A 556 23.23 -8.89 -13.78
N LEU A 557 23.34 -8.12 -12.71
CA LEU A 557 22.22 -7.84 -11.82
C LEU A 557 21.82 -6.37 -11.84
N LYS A 558 22.39 -5.58 -12.76
CA LYS A 558 22.09 -4.15 -12.80
C LYS A 558 20.61 -3.93 -13.08
N GLU A 559 20.01 -3.03 -12.30
CA GLU A 559 18.59 -2.68 -12.31
C GLU A 559 17.70 -3.81 -11.78
N TRP A 560 18.27 -4.80 -11.12
CA TRP A 560 17.52 -5.88 -10.50
C TRP A 560 17.47 -5.70 -8.99
N ILE A 561 16.35 -6.12 -8.41
CA ILE A 561 16.17 -6.17 -6.96
C ILE A 561 16.11 -7.63 -6.55
N ILE A 562 17.01 -8.03 -5.65
CA ILE A 562 17.13 -9.41 -5.22
C ILE A 562 16.69 -9.51 -3.76
N LYS A 563 15.86 -10.49 -3.46
CA LYS A 563 15.42 -10.73 -2.10
C LYS A 563 16.34 -11.75 -1.44
N LEU A 564 16.94 -11.37 -0.32
CA LEU A 564 17.72 -12.30 0.49
C LEU A 564 16.84 -13.07 1.45
N ASP A 565 16.09 -12.36 2.30
CA ASP A 565 15.10 -12.98 3.16
C ASP A 565 13.90 -12.03 3.25
N GLU A 566 13.05 -12.28 4.25
CA GLU A 566 11.78 -11.57 4.33
C GLU A 566 11.96 -10.07 4.53
N ASN A 567 13.05 -9.66 5.19
CA ASN A 567 13.26 -8.26 5.55
C ASN A 567 14.51 -7.66 4.92
N THR A 568 15.21 -8.38 4.05
CA THR A 568 16.49 -7.92 3.52
C THR A 568 16.51 -8.09 2.01
N TYR A 569 16.74 -6.98 1.30
CA TYR A 569 16.84 -6.98 -0.15
C TYR A 569 18.13 -6.30 -0.58
N ILE A 570 18.51 -6.54 -1.84
CA ILE A 570 19.63 -5.87 -2.47
C ILE A 570 19.19 -5.40 -3.84
N TYR A 571 19.42 -4.14 -4.15
CA TYR A 571 19.23 -3.65 -5.50
C TYR A 571 20.59 -3.23 -6.07
N TYR A 572 20.71 -3.39 -7.39
CA TYR A 572 21.93 -3.00 -8.11
C TYR A 572 21.54 -1.91 -9.09
N PRO A 573 21.80 -0.65 -8.79
CA PRO A 573 21.33 0.43 -9.65
C PRO A 573 22.08 0.46 -10.97
N LYS A 574 21.44 1.06 -11.97
CA LYS A 574 22.06 1.17 -13.29
C LYS A 574 23.32 2.00 -13.19
N THR A 575 24.38 1.51 -13.83
CA THR A 575 25.69 2.15 -13.76
C THR A 575 26.50 1.72 -14.97
N PHE A 576 27.26 2.65 -15.54
CA PHE A 576 28.22 2.32 -16.59
C PHE A 576 29.58 1.92 -16.02
N LEU A 577 29.71 1.84 -14.70
CA LEU A 577 30.91 1.37 -14.03
C LEU A 577 30.71 -0.09 -13.59
N ASN A 578 31.47 -0.52 -12.58
CA ASN A 578 31.36 -1.87 -12.07
C ASN A 578 30.04 -2.08 -11.35
N GLN A 579 29.55 -3.31 -11.40
CA GLN A 579 28.30 -3.68 -10.75
C GLN A 579 28.47 -3.63 -9.23
N LYS A 580 27.77 -2.71 -8.59
CA LYS A 580 27.82 -2.56 -7.14
C LYS A 580 26.41 -2.61 -6.57
N GLY A 581 26.27 -3.24 -5.41
CA GLY A 581 24.97 -3.43 -4.79
C GLY A 581 24.69 -2.47 -3.66
N VAL A 582 23.40 -2.32 -3.35
CA VAL A 582 22.93 -1.52 -2.23
C VAL A 582 21.98 -2.39 -1.42
N GLU A 583 22.34 -2.67 -0.17
CA GLU A 583 21.53 -3.50 0.70
C GLU A 583 20.47 -2.67 1.40
N VAL A 584 19.26 -3.22 1.48
CA VAL A 584 18.13 -2.56 2.11
C VAL A 584 17.52 -3.53 3.11
N LYS A 585 17.48 -3.13 4.38
CA LYS A 585 16.98 -3.99 5.46
C LYS A 585 15.88 -3.26 6.20
N ILE A 586 14.67 -3.81 6.19
CA ILE A 586 13.54 -3.25 6.93
C ILE A 586 13.71 -3.65 8.40
N LEU A 587 14.27 -2.75 9.20
CA LEU A 587 14.41 -3.02 10.63
C LEU A 587 13.06 -3.11 11.31
N GLU A 588 12.19 -2.14 11.06
CA GLU A 588 10.87 -2.09 11.66
C GLU A 588 9.89 -1.62 10.60
N ASN A 589 8.62 -1.97 10.79
CA ASN A 589 7.59 -1.51 9.86
C ASN A 589 6.23 -1.60 10.53
N ASN A 590 5.53 -0.48 10.62
CA ASN A 590 4.13 -0.44 11.02
C ASN A 590 3.29 0.35 10.02
N THR A 591 3.79 0.52 8.80
CA THR A 591 2.97 1.11 7.74
C THR A 591 2.03 0.06 7.18
N ASP A 592 1.09 0.52 6.37
CA ASP A 592 0.19 -0.38 5.65
C ASP A 592 0.81 -0.94 4.36
N TYR A 593 2.06 -0.58 4.09
CA TYR A 593 2.77 -1.12 2.94
C TYR A 593 3.41 -2.46 3.30
N THR A 594 3.43 -3.37 2.35
CA THR A 594 4.22 -4.58 2.50
C THR A 594 5.70 -4.27 2.34
N ILE A 595 6.53 -5.22 2.76
CA ILE A 595 7.97 -5.06 2.58
C ILE A 595 8.29 -4.84 1.11
N GLU A 596 7.70 -5.68 0.24
CA GLU A 596 7.94 -5.56 -1.21
C GLU A 596 7.61 -4.17 -1.72
N GLU A 597 6.50 -3.58 -1.23
CA GLU A 597 6.12 -2.25 -1.67
C GLU A 597 7.09 -1.19 -1.15
N ILE A 598 7.53 -1.33 0.10
CA ILE A 598 8.51 -0.41 0.66
C ILE A 598 9.82 -0.48 -0.12
N ILE A 599 10.26 -1.69 -0.44
CA ILE A 599 11.51 -1.85 -1.18
C ILE A 599 11.40 -1.19 -2.55
N GLU A 600 10.25 -1.32 -3.20
CA GLU A 600 10.07 -0.70 -4.51
C GLU A 600 10.10 0.82 -4.41
N GLN A 601 9.51 1.38 -3.34
CA GLN A 601 9.53 2.82 -3.18
C GLN A 601 10.94 3.34 -2.90
N ILE A 602 11.73 2.57 -2.15
CA ILE A 602 13.10 2.96 -1.86
C ILE A 602 13.93 2.97 -3.15
N TYR A 603 13.69 1.99 -4.03
CA TYR A 603 14.39 1.97 -5.30
C TYR A 603 13.95 3.13 -6.19
N LEU A 604 12.63 3.40 -6.24
CA LEU A 604 12.15 4.52 -7.02
C LEU A 604 12.73 5.84 -6.52
N LEU A 605 13.03 5.93 -5.21
CA LEU A 605 13.63 7.13 -4.67
C LEU A 605 14.99 7.43 -5.31
N THR A 606 15.67 6.41 -5.83
CA THR A 606 16.94 6.66 -6.52
C THR A 606 16.74 7.37 -7.86
N ARG A 607 15.49 7.54 -8.31
CA ARG A 607 15.21 8.15 -9.60
C ARG A 607 14.27 9.34 -9.53
N VAL A 608 13.80 9.73 -8.33
CA VAL A 608 12.89 10.87 -8.23
C VAL A 608 13.56 12.19 -8.58
N ALA A 609 14.87 12.18 -8.76
CA ALA A 609 15.59 13.35 -9.25
C ALA A 609 16.81 12.87 -10.02
N HIS A 610 17.27 13.73 -10.93
CA HIS A 610 18.50 13.50 -11.68
C HIS A 610 19.38 14.74 -11.59
N SER A 611 20.68 14.53 -11.45
CA SER A 611 21.62 15.64 -11.60
C SER A 611 21.70 16.06 -13.07
N THR A 612 21.77 15.08 -13.96
CA THR A 612 21.67 15.26 -15.39
C THR A 612 20.86 14.06 -15.90
N PRO A 613 20.28 14.14 -17.07
CA PRO A 613 19.54 13.00 -17.62
C PRO A 613 20.43 11.83 -18.05
N TYR A 614 21.74 12.02 -18.11
CA TYR A 614 22.66 11.03 -18.65
C TYR A 614 23.29 10.13 -17.59
N THR A 615 23.06 10.41 -16.30
CA THR A 615 23.44 9.52 -15.22
C THR A 615 22.31 9.49 -14.20
N ASN A 616 22.29 8.45 -13.38
CA ASN A 616 21.27 8.33 -12.35
C ASN A 616 21.92 8.11 -10.98
N TYR A 617 21.20 8.49 -9.95
CA TYR A 617 21.66 8.30 -8.58
C TYR A 617 21.68 6.81 -8.21
N LYS A 618 22.56 6.46 -7.29
CA LYS A 618 22.69 5.09 -6.81
C LYS A 618 21.94 4.85 -5.50
N LEU A 619 21.86 5.85 -4.65
CA LEU A 619 21.17 5.78 -3.37
C LEU A 619 19.84 6.52 -3.44
N PRO A 620 18.89 6.19 -2.56
CA PRO A 620 17.65 6.97 -2.51
C PRO A 620 17.96 8.44 -2.29
N TYR A 621 17.20 9.29 -2.99
CA TYR A 621 17.50 10.72 -3.02
C TYR A 621 17.67 11.34 -1.64
N PRO A 622 16.80 11.09 -0.65
CA PRO A 622 17.07 11.66 0.70
C PRO A 622 18.41 11.25 1.27
N LEU A 623 18.81 9.98 1.08
CA LEU A 623 20.12 9.55 1.55
C LEU A 623 21.24 10.15 0.73
N HIS A 624 21.03 10.25 -0.58
CA HIS A 624 22.02 10.93 -1.44
C HIS A 624 22.27 12.34 -0.97
N ILE A 625 21.21 13.07 -0.62
CA ILE A 625 21.35 14.44 -0.13
C ILE A 625 22.08 14.44 1.20
N ALA A 626 21.66 13.57 2.13
CA ALA A 626 22.25 13.55 3.46
C ALA A 626 23.75 13.27 3.41
N ASN A 627 24.15 12.28 2.60
CA ASN A 627 25.58 12.02 2.44
C ASN A 627 26.30 13.23 1.85
N LYS A 628 25.72 13.85 0.83
CA LYS A 628 26.40 14.96 0.15
C LYS A 628 26.51 16.18 1.05
N VAL A 629 25.44 16.53 1.76
CA VAL A 629 25.47 17.73 2.61
C VAL A 629 26.41 17.53 3.79
N ALA A 630 26.47 16.31 4.33
CA ALA A 630 27.38 16.03 5.42
C ALA A 630 28.84 16.05 4.99
N LEU A 631 29.11 15.91 3.69
CA LEU A 631 30.47 15.75 3.22
C LEU A 631 31.25 17.07 3.19
N THR A 632 30.59 18.20 2.98
CA THR A 632 31.26 19.48 2.84
C THR A 632 30.47 20.57 3.55
N ASP A 633 31.14 21.71 3.77
CA ASP A 633 30.53 22.86 4.42
C ASP A 633 29.70 23.68 3.45
N TYR A 634 30.16 23.83 2.21
CA TYR A 634 29.46 24.65 1.22
C TYR A 634 29.38 24.01 -0.17
N GLU A 635 30.29 23.11 -0.53
CA GLU A 635 30.35 22.59 -1.88
C GLU A 635 29.04 21.92 -2.29
N TRP A 636 28.34 21.30 -1.33
CA TRP A 636 27.11 20.58 -1.66
C TRP A 636 26.04 21.50 -2.24
N LYS A 637 26.14 22.80 -1.99
CA LYS A 637 25.17 23.74 -2.55
C LYS A 637 25.23 23.78 -4.08
N LEU A 638 26.34 23.33 -4.66
CA LEU A 638 26.46 23.28 -6.12
C LEU A 638 25.67 22.13 -6.73
N TYR A 639 25.31 21.12 -5.93
CA TYR A 639 24.66 19.93 -6.44
C TYR A 639 23.24 19.76 -5.96
N ILE A 640 22.92 20.24 -4.77
CA ILE A 640 21.64 20.01 -4.10
C ILE A 640 20.87 21.33 -4.14
N PRO A 641 19.74 21.40 -4.85
CA PRO A 641 18.96 22.64 -4.87
C PRO A 641 18.15 22.83 -3.60
N TYR A 642 18.72 23.53 -2.62
CA TYR A 642 18.03 23.79 -1.36
C TYR A 642 18.31 25.21 -0.88
N ALA C 4 -14.44 17.58 -1.39
CA ALA C 4 -15.15 16.46 -2.00
C ALA C 4 -16.66 16.67 -1.92
N TYR C 5 -17.38 16.20 -2.93
CA TYR C 5 -18.82 16.45 -3.04
C TYR C 5 -19.61 15.32 -2.39
N LEU C 6 -20.69 15.68 -1.71
CA LEU C 6 -21.75 14.75 -1.35
C LEU C 6 -23.06 15.26 -1.94
N ASN C 7 -23.92 14.34 -2.33
CA ASN C 7 -25.18 14.69 -2.97
C ASN C 7 -26.25 15.15 -2.00
N LEU C 8 -25.88 15.88 -0.96
CA LEU C 8 -26.81 16.36 0.05
C LEU C 8 -27.13 17.82 -0.19
N TYR C 9 -28.41 18.17 -0.03
CA TYR C 9 -28.86 19.55 -0.22
C TYR C 9 -29.70 19.96 0.98
N LYS C 10 -29.31 21.06 1.61
CA LYS C 10 -29.95 21.50 2.84
C LYS C 10 -31.35 22.00 2.57
N ILE C 11 -32.30 21.53 3.37
CA ILE C 11 -33.70 21.94 3.25
C ILE C 11 -33.92 23.17 4.11
N ASP C 12 -34.32 24.27 3.49
CA ASP C 12 -34.53 25.54 4.17
C ASP C 12 -36.00 25.92 4.03
N ILE C 13 -36.80 25.48 5.00
CA ILE C 13 -38.23 25.78 5.07
C ILE C 13 -38.61 25.87 6.55
N PRO C 14 -39.72 26.51 6.90
CA PRO C 14 -40.13 26.54 8.31
C PRO C 14 -40.32 25.14 8.87
N LYS C 15 -39.76 24.90 10.05
CA LYS C 15 -39.80 23.58 10.68
C LYS C 15 -41.18 23.33 11.31
N LYS C 16 -42.20 23.34 10.47
CA LYS C 16 -43.57 23.15 10.95
C LYS C 16 -44.45 22.72 9.79
N ILE C 17 -45.57 22.08 10.13
CA ILE C 17 -46.56 21.63 9.18
C ILE C 17 -47.88 22.32 9.50
N LYS C 18 -48.63 22.69 8.47
CA LYS C 18 -49.93 23.32 8.60
C LYS C 18 -51.00 22.39 8.07
N ARG C 19 -52.07 22.21 8.85
CA ARG C 19 -53.18 21.37 8.45
C ARG C 19 -54.39 22.24 8.15
N LEU C 20 -54.86 22.19 6.91
CA LEU C 20 -56.03 22.92 6.46
C LEU C 20 -57.21 21.97 6.33
N TYR C 21 -58.41 22.48 6.60
CA TYR C 21 -59.62 21.67 6.59
C TYR C 21 -60.58 22.18 5.53
N PHE C 22 -61.36 21.25 4.97
CA PHE C 22 -62.35 21.55 3.96
C PHE C 22 -63.60 20.73 4.23
N TYR C 23 -64.74 21.25 3.78
CA TYR C 23 -66.01 20.56 3.95
C TYR C 23 -66.86 20.78 2.70
N ASN C 24 -67.36 19.67 2.13
CA ASN C 24 -68.25 19.71 0.99
C ASN C 24 -69.54 18.99 1.36
N PRO C 25 -70.68 19.70 1.39
CA PRO C 25 -71.95 19.03 1.73
C PRO C 25 -72.50 18.16 0.61
N ASP C 26 -72.03 18.31 -0.61
CA ASP C 26 -72.65 17.67 -1.76
C ASP C 26 -72.14 16.27 -2.04
N MET C 27 -71.05 15.84 -1.42
CA MET C 27 -70.48 14.54 -1.73
C MET C 27 -69.83 13.94 -0.49
N GLU C 28 -69.58 12.63 -0.55
CA GLU C 28 -68.96 11.93 0.55
C GLU C 28 -67.54 12.42 0.77
N PRO C 29 -67.08 12.53 2.01
CA PRO C 29 -65.72 13.03 2.26
C PRO C 29 -64.62 12.18 1.63
N LYS C 30 -64.81 10.87 1.53
CA LYS C 30 -63.76 10.03 0.94
C LYS C 30 -63.58 10.33 -0.54
N LEU C 31 -64.68 10.51 -1.27
CA LEU C 31 -64.58 10.84 -2.69
C LEU C 31 -64.11 12.28 -2.89
N PHE C 32 -64.55 13.19 -2.01
CA PHE C 32 -64.06 14.55 -2.05
C PHE C 32 -62.54 14.60 -1.86
N ALA C 33 -62.04 13.90 -0.84
CA ALA C 33 -60.61 13.82 -0.61
C ALA C 33 -59.90 13.16 -1.80
N ARG C 34 -60.52 12.14 -2.40
CA ARG C 34 -59.91 11.47 -3.54
C ARG C 34 -59.73 12.43 -4.71
N ASN C 35 -60.79 13.17 -5.05
CA ASN C 35 -60.71 14.11 -6.17
C ASN C 35 -59.66 15.20 -5.90
N LEU C 36 -59.63 15.73 -4.68
CA LEU C 36 -58.65 16.75 -4.34
C LEU C 36 -57.23 16.20 -4.40
N SER C 37 -57.03 14.93 -4.03
CA SER C 37 -55.71 14.33 -4.13
C SER C 37 -55.28 14.21 -5.58
N ARG C 38 -56.22 13.88 -6.47
CA ARG C 38 -55.88 13.62 -7.87
C ARG C 38 -55.41 14.89 -8.57
N VAL C 39 -56.16 15.98 -8.41
CA VAL C 39 -55.83 17.22 -9.11
C VAL C 39 -54.64 17.94 -8.50
N ASN C 40 -54.30 17.66 -7.25
CA ASN C 40 -53.18 18.33 -6.58
C ASN C 40 -51.93 17.47 -6.52
N ASN C 41 -51.98 16.23 -6.99
CA ASN C 41 -50.85 15.30 -6.88
C ASN C 41 -50.35 15.22 -5.45
N PHE C 42 -51.29 15.24 -4.51
CA PHE C 42 -50.96 15.32 -3.08
C PHE C 42 -52.15 14.78 -2.30
N LYS C 43 -51.90 13.75 -1.49
CA LYS C 43 -53.00 13.02 -0.88
C LYS C 43 -53.69 13.85 0.20
N PHE C 44 -54.99 14.06 0.03
CA PHE C 44 -55.87 14.57 1.09
C PHE C 44 -56.39 13.40 1.92
N GLN C 45 -56.62 13.65 3.20
CA GLN C 45 -57.20 12.65 4.09
C GLN C 45 -58.61 13.08 4.51
N ASP C 46 -59.45 12.10 4.78
CA ASP C 46 -60.83 12.33 5.17
C ASP C 46 -61.08 11.88 6.61
N ASP C 49 -66.06 13.69 8.86
CA ASP C 49 -66.92 14.51 8.00
C ASP C 49 -66.13 15.57 7.25
N LEU C 50 -64.98 15.95 7.80
CA LEU C 50 -64.13 16.93 7.17
C LEU C 50 -63.06 16.26 6.31
N VAL C 51 -62.51 17.04 5.39
CA VAL C 51 -61.37 16.63 4.56
C VAL C 51 -60.24 17.61 4.83
N TRP C 52 -59.04 17.08 5.09
CA TRP C 52 -57.92 17.92 5.45
C TRP C 52 -56.67 17.54 4.65
N ILE C 53 -55.69 18.44 4.71
CA ILE C 53 -54.41 18.27 4.04
C ILE C 53 -53.33 18.86 4.93
N GLU C 54 -52.21 18.15 5.05
CA GLU C 54 -51.06 18.60 5.82
C GLU C 54 -49.98 19.01 4.84
N ILE C 55 -49.55 20.27 4.92
CA ILE C 55 -48.61 20.83 3.94
C ILE C 55 -47.48 21.51 4.69
N PRO C 56 -46.34 21.72 4.02
CA PRO C 56 -45.31 22.58 4.59
C PRO C 56 -45.80 24.02 4.66
N ASP C 57 -45.16 24.80 5.52
CA ASP C 57 -45.57 26.19 5.72
C ASP C 57 -45.07 27.07 4.60
N ILE C 58 -45.38 26.71 3.35
CA ILE C 58 -44.97 27.46 2.17
C ILE C 58 -46.23 27.84 1.41
N ASP C 59 -46.10 28.81 0.51
CA ASP C 59 -47.18 29.12 -0.42
C ASP C 59 -47.56 27.84 -1.17
N PHE C 60 -48.83 27.44 -1.03
CA PHE C 60 -49.33 26.17 -1.54
C PHE C 60 -50.70 26.45 -2.14
N GLN C 61 -50.76 26.62 -3.45
CA GLN C 61 -52.00 26.96 -4.15
C GLN C 61 -52.73 25.66 -4.49
N ILE C 62 -53.89 25.46 -3.87
CA ILE C 62 -54.65 24.23 -4.02
C ILE C 62 -55.56 24.34 -5.25
N THR C 63 -55.66 23.24 -5.98
CA THR C 63 -56.51 23.12 -7.16
C THR C 63 -57.76 22.32 -6.79
N PRO C 64 -58.94 22.73 -7.30
CA PRO C 64 -59.17 23.86 -8.20
C PRO C 64 -59.24 25.21 -7.51
N LYS C 65 -59.24 26.27 -8.33
CA LYS C 65 -59.27 27.64 -7.81
C LYS C 65 -60.36 27.82 -6.77
N ASN C 66 -61.60 27.47 -7.11
CA ASN C 66 -62.73 27.77 -6.24
C ASN C 66 -62.83 26.82 -5.06
N VAL C 67 -61.80 26.02 -4.76
CA VAL C 67 -61.84 25.16 -3.59
C VAL C 67 -62.00 25.95 -2.31
N PHE C 68 -61.68 27.25 -2.34
CA PHE C 68 -61.89 28.09 -1.16
C PHE C 68 -63.34 28.11 -0.71
N GLN C 69 -64.28 27.78 -1.61
CA GLN C 69 -65.69 27.72 -1.21
C GLN C 69 -65.93 26.64 -0.16
N TYR C 70 -65.07 25.64 -0.09
CA TYR C 70 -65.20 24.57 0.89
C TYR C 70 -64.27 24.74 2.08
N LYS C 71 -63.44 25.78 2.09
CA LYS C 71 -62.47 25.95 3.16
C LYS C 71 -63.17 26.14 4.50
N VAL C 72 -62.69 25.43 5.52
CA VAL C 72 -63.25 25.45 6.86
C VAL C 72 -62.41 26.36 7.73
N GLU C 73 -63.08 27.14 8.58
CA GLU C 73 -62.37 28.00 9.52
C GLU C 73 -61.73 27.16 10.62
N LYS C 74 -60.74 26.37 10.24
CA LYS C 74 -60.02 25.52 11.19
C LYS C 74 -58.64 25.24 10.63
N GLU C 75 -57.60 25.58 11.38
CA GLU C 75 -56.22 25.34 10.96
C GLU C 75 -55.40 24.94 12.18
N GLU C 76 -54.40 24.11 11.93
CA GLU C 76 -53.47 23.68 12.96
C GLU C 76 -52.04 23.83 12.46
N ILE C 77 -51.15 24.14 13.39
CA ILE C 77 -49.72 24.27 13.10
C ILE C 77 -48.99 23.30 14.02
N ILE C 78 -48.27 22.35 13.42
CA ILE C 78 -47.55 21.32 14.16
C ILE C 78 -46.06 21.58 13.95
N LYS C 79 -45.36 21.92 15.03
CA LYS C 79 -43.92 22.12 14.95
C LYS C 79 -43.22 20.80 14.70
N GLU C 80 -42.15 20.85 13.89
CA GLU C 80 -41.35 19.65 13.66
C GLU C 80 -40.85 19.07 14.98
N GLU C 81 -40.52 19.94 15.94
CA GLU C 81 -40.13 19.47 17.27
C GLU C 81 -41.25 18.68 17.94
N GLU C 82 -42.51 19.04 17.64
CA GLU C 82 -43.64 18.35 18.25
C GLU C 82 -43.93 17.02 17.56
N ASP C 83 -43.58 16.88 16.28
CA ASP C 83 -43.91 15.67 15.54
C ASP C 83 -42.93 15.54 14.37
N LYS C 84 -41.88 14.75 14.58
CA LYS C 84 -40.84 14.59 13.56
C LYS C 84 -41.36 13.78 12.37
N LYS C 85 -41.99 12.63 12.64
CA LYS C 85 -42.49 11.78 11.57
C LYS C 85 -43.46 12.54 10.66
N LEU C 86 -44.37 13.31 11.26
CA LEU C 86 -45.33 14.09 10.47
C LEU C 86 -44.60 15.03 9.51
N PHE C 87 -43.55 15.71 10.00
CA PHE C 87 -42.82 16.65 9.15
C PHE C 87 -42.17 15.94 7.97
N VAL C 88 -41.49 14.82 8.23
CA VAL C 88 -40.81 14.09 7.17
C VAL C 88 -41.81 13.53 6.17
N LYS C 89 -42.91 12.96 6.67
CA LYS C 89 -43.96 12.44 5.79
C LYS C 89 -44.51 13.54 4.89
N THR C 90 -44.81 14.70 5.47
CA THR C 90 -45.34 15.81 4.67
C THR C 90 -44.33 16.27 3.63
N LEU C 91 -43.06 16.35 4.01
CA LEU C 91 -42.03 16.80 3.07
C LEU C 91 -41.88 15.82 1.91
N TYR C 92 -41.94 14.52 2.19
CA TYR C 92 -41.89 13.51 1.12
C TYR C 92 -43.04 13.69 0.14
N LYS C 93 -44.26 13.85 0.65
CA LYS C 93 -45.41 14.04 -0.23
C LYS C 93 -45.28 15.33 -1.03
N TYR C 94 -44.69 16.36 -0.45
CA TYR C 94 -44.56 17.63 -1.15
C TYR C 94 -43.51 17.55 -2.26
N ILE C 95 -42.42 16.81 -2.01
CA ILE C 95 -41.43 16.56 -3.06
C ILE C 95 -42.07 15.76 -4.19
N LYS C 96 -42.83 14.73 -3.84
CA LYS C 96 -43.54 13.95 -4.85
C LYS C 96 -44.47 14.83 -5.68
N LYS C 97 -45.19 15.75 -5.03
CA LYS C 97 -46.10 16.62 -5.76
C LYS C 97 -45.36 17.49 -6.77
N LEU C 98 -44.23 18.08 -6.35
CA LEU C 98 -43.47 18.93 -7.25
C LEU C 98 -42.98 18.15 -8.46
N PHE C 99 -42.43 16.95 -8.24
CA PHE C 99 -41.98 16.11 -9.34
C PHE C 99 -43.14 15.75 -10.26
N LEU C 100 -44.28 15.37 -9.69
CA LEU C 100 -45.43 15.01 -10.51
C LEU C 100 -45.99 16.23 -11.24
N ASP C 101 -46.00 17.39 -10.59
CA ASP C 101 -46.45 18.61 -11.26
C ASP C 101 -45.55 18.98 -12.43
N ASN C 102 -44.29 18.55 -12.41
CA ASN C 102 -43.37 18.78 -13.52
C ASN C 102 -43.26 17.57 -14.43
N ASP C 103 -44.25 16.68 -14.38
CA ASP C 103 -44.42 15.58 -15.34
C ASP C 103 -43.36 14.49 -15.20
N PHE C 104 -42.83 14.31 -14.00
CA PHE C 104 -42.01 13.14 -13.72
C PHE C 104 -42.90 11.94 -13.41
N TYR C 105 -42.41 10.75 -13.77
CA TYR C 105 -43.04 9.52 -13.33
C TYR C 105 -42.54 9.16 -11.93
N PHE C 106 -43.45 8.68 -11.09
CA PHE C 106 -43.08 8.18 -9.78
C PHE C 106 -42.86 6.67 -9.86
N LYS C 107 -41.76 6.20 -9.28
CA LYS C 107 -41.46 4.78 -9.18
C LYS C 107 -41.07 4.47 -7.75
N LYS C 108 -41.53 3.33 -7.25
CA LYS C 108 -41.35 2.96 -5.85
C LYS C 108 -39.89 3.10 -5.43
N GLY C 109 -39.69 3.61 -4.22
CA GLY C 109 -38.37 4.02 -3.77
C GLY C 109 -38.04 5.48 -4.01
N ASN C 110 -39.05 6.32 -4.22
CA ASN C 110 -38.86 7.75 -4.49
C ASN C 110 -37.96 7.99 -5.69
N ASN C 111 -38.02 7.10 -6.67
CA ASN C 111 -37.37 7.33 -7.97
C ASN C 111 -38.31 8.14 -8.85
N PHE C 112 -37.79 9.22 -9.41
CA PHE C 112 -38.57 10.10 -10.26
C PHE C 112 -38.00 10.06 -11.68
N ILE C 113 -38.82 9.58 -12.60
CA ILE C 113 -38.41 9.26 -13.97
C ILE C 113 -38.78 10.46 -14.84
N SER C 114 -37.77 11.18 -15.31
CA SER C 114 -38.02 12.34 -16.17
C SER C 114 -38.61 11.88 -17.50
N ASN C 115 -39.54 12.69 -18.02
CA ASN C 115 -40.12 12.47 -19.34
C ASN C 115 -39.71 13.51 -20.35
N SER C 116 -38.91 14.50 -19.95
CA SER C 116 -38.24 15.41 -20.87
C SER C 116 -36.82 15.01 -21.18
N GLU C 117 -36.12 14.45 -20.20
CA GLU C 117 -34.72 14.03 -20.37
C GLU C 117 -34.68 12.55 -20.72
N VAL C 118 -35.13 12.26 -21.94
CA VAL C 118 -35.25 10.90 -22.44
C VAL C 118 -34.63 10.83 -23.83
N PHE C 119 -33.99 9.71 -24.13
CA PHE C 119 -33.49 9.46 -25.48
C PHE C 119 -33.59 7.99 -25.80
N SER C 120 -33.99 7.69 -27.03
CA SER C 120 -34.02 6.30 -27.50
C SER C 120 -32.59 5.80 -27.67
N LEU C 121 -32.35 4.56 -27.27
CA LEU C 121 -31.03 3.97 -27.41
C LEU C 121 -30.67 3.80 -28.88
N ASP C 122 -29.45 4.16 -29.24
CA ASP C 122 -28.95 3.88 -30.58
C ASP C 122 -28.91 2.38 -30.84
N SER C 123 -28.63 1.58 -29.81
CA SER C 123 -28.50 0.14 -29.95
C SER C 123 -29.85 -0.56 -30.08
N ASN C 124 -30.94 0.04 -29.60
CA ASN C 124 -32.26 -0.57 -29.68
C ASN C 124 -33.28 0.56 -29.65
N GLU C 125 -33.85 0.88 -30.81
CA GLU C 125 -34.75 2.01 -30.93
C GLU C 125 -36.03 1.81 -30.12
N ASN C 126 -36.35 0.57 -29.73
CA ASN C 126 -37.55 0.29 -28.97
C ASN C 126 -37.41 0.55 -27.48
N VAL C 127 -36.23 0.94 -27.01
CA VAL C 127 -35.97 1.16 -25.58
C VAL C 127 -35.64 2.63 -25.36
N ASN C 128 -36.30 3.22 -24.39
CA ASN C 128 -36.03 4.59 -24.01
C ASN C 128 -35.18 4.65 -22.74
N ALA C 129 -34.27 5.61 -22.70
CA ALA C 129 -33.43 5.84 -21.53
C ALA C 129 -33.91 7.14 -20.88
N HIS C 130 -34.49 7.01 -19.69
CA HIS C 130 -35.02 8.16 -18.95
C HIS C 130 -34.03 8.55 -17.86
N LEU C 131 -33.60 9.80 -17.88
CA LEU C 131 -32.90 10.34 -16.73
C LEU C 131 -33.79 10.27 -15.50
N THR C 132 -33.26 9.73 -14.42
CA THR C 132 -34.03 9.48 -13.21
C THR C 132 -33.27 10.01 -12.01
N TYR C 133 -34.01 10.44 -11.00
CA TYR C 133 -33.44 10.91 -9.74
C TYR C 133 -34.14 10.23 -8.58
N LYS C 134 -33.38 9.55 -7.74
CA LYS C 134 -33.88 9.01 -6.49
C LYS C 134 -33.65 10.04 -5.39
N ILE C 135 -34.71 10.31 -4.61
CA ILE C 135 -34.72 11.39 -3.64
C ILE C 135 -34.97 10.79 -2.26
N LYS C 136 -34.17 11.21 -1.27
CA LYS C 136 -34.35 10.76 0.10
C LYS C 136 -34.11 11.93 1.04
N ILE C 137 -34.69 11.84 2.23
CA ILE C 137 -34.66 12.89 3.24
C ILE C 137 -33.80 12.41 4.41
N HIS C 138 -32.89 13.25 4.87
CA HIS C 138 -31.97 12.91 5.94
C HIS C 138 -31.96 13.98 7.01
N ASN C 139 -31.92 13.56 8.27
CA ASN C 139 -31.84 14.46 9.42
C ASN C 139 -30.40 14.36 9.96
N ILE C 140 -29.57 15.33 9.58
CA ILE C 140 -28.16 15.35 9.93
C ILE C 140 -27.88 16.58 10.78
N SER C 141 -27.37 16.37 11.99
CA SER C 141 -26.97 17.44 12.89
C SER C 141 -28.09 18.48 13.06
N ASN C 142 -29.26 17.99 13.42
CA ASN C 142 -30.44 18.81 13.73
C ASN C 142 -30.95 19.59 12.52
N GLU C 143 -30.42 19.33 11.33
CA GLU C 143 -30.93 19.92 10.10
C GLU C 143 -31.53 18.83 9.22
N TYR C 144 -32.19 19.25 8.15
CA TYR C 144 -32.77 18.33 7.18
C TYR C 144 -32.11 18.54 5.83
N TYR C 145 -31.78 17.43 5.18
CA TYR C 145 -31.11 17.44 3.89
C TYR C 145 -31.87 16.58 2.90
N LEU C 146 -31.54 16.78 1.63
CA LEU C 146 -32.12 16.04 0.53
C LEU C 146 -30.99 15.41 -0.26
N SER C 147 -30.98 14.08 -0.36
CA SER C 147 -30.03 13.40 -1.23
C SER C 147 -30.69 13.22 -2.59
N ILE C 148 -29.95 13.56 -3.64
CA ILE C 148 -30.45 13.54 -5.01
C ILE C 148 -29.48 12.66 -5.81
N LEU C 149 -29.90 11.45 -6.13
CA LEU C 149 -29.02 10.50 -6.82
C LEU C 149 -29.42 10.39 -8.27
N PRO C 150 -28.61 10.89 -9.21
CA PRO C 150 -28.90 10.68 -10.62
C PRO C 150 -28.68 9.22 -11.01
N LYS C 151 -29.61 8.71 -11.82
CA LYS C 151 -29.53 7.34 -12.32
C LYS C 151 -30.36 7.29 -13.60
N PHE C 152 -30.65 6.07 -14.07
CA PHE C 152 -31.37 5.91 -15.32
C PHE C 152 -32.37 4.77 -15.21
N THR C 153 -33.48 4.93 -15.91
CA THR C 153 -34.51 3.91 -16.03
C THR C 153 -34.72 3.62 -17.51
N PHE C 154 -34.61 2.35 -17.88
CA PHE C 154 -34.78 1.91 -19.25
C PHE C 154 -36.16 1.28 -19.40
N LEU C 155 -37.01 1.91 -20.20
CA LEU C 155 -38.39 1.49 -20.37
C LEU C 155 -38.69 1.29 -21.84
N SER C 156 -39.69 0.45 -22.12
CA SER C 156 -40.15 0.27 -23.48
C SER C 156 -40.72 1.59 -23.99
N LYS C 157 -40.35 1.94 -25.23
CA LYS C 157 -40.84 3.18 -25.81
C LYS C 157 -42.35 3.15 -25.99
N GLU C 158 -42.93 1.96 -26.10
CA GLU C 158 -44.35 1.76 -26.35
C GLU C 158 -44.99 1.01 -25.19
N PRO C 159 -46.31 1.13 -25.01
CA PRO C 159 -47.00 0.28 -24.02
C PRO C 159 -46.73 -1.20 -24.25
N ALA C 160 -47.00 -2.01 -23.21
CA ALA C 160 -46.58 -3.41 -23.22
C ALA C 160 -47.13 -4.16 -24.43
N LEU C 161 -48.42 -4.02 -24.70
CA LEU C 161 -49.03 -4.75 -25.81
C LEU C 161 -48.61 -4.22 -27.16
N GLU C 162 -48.17 -2.96 -27.24
CA GLU C 162 -47.76 -2.35 -28.50
C GLU C 162 -46.24 -2.22 -28.61
N SER C 163 -45.50 -3.01 -27.85
CA SER C 163 -44.04 -2.97 -27.83
C SER C 163 -43.49 -4.23 -28.48
N ALA C 164 -42.60 -4.05 -29.47
CA ALA C 164 -41.96 -5.20 -30.09
C ALA C 164 -41.07 -5.94 -29.09
N ILE C 165 -40.31 -5.21 -28.30
CA ILE C 165 -39.41 -5.79 -27.32
C ILE C 165 -40.18 -6.00 -26.02
N LYS C 166 -39.88 -7.09 -25.33
CA LYS C 166 -40.57 -7.47 -24.11
C LYS C 166 -39.55 -7.77 -23.01
N SER C 167 -40.07 -7.93 -21.80
CA SER C 167 -39.26 -8.20 -20.62
C SER C 167 -40.11 -8.99 -19.65
N GLY C 168 -39.53 -9.27 -18.48
CA GLY C 168 -40.24 -10.02 -17.46
C GLY C 168 -41.03 -9.18 -16.48
N TYR C 169 -40.82 -7.87 -16.46
CA TYR C 169 -41.44 -6.99 -15.49
C TYR C 169 -42.07 -5.79 -16.18
N LEU C 170 -43.21 -5.35 -15.64
CA LEU C 170 -43.95 -4.21 -16.15
C LEU C 170 -43.99 -3.11 -15.10
N TYR C 171 -43.91 -1.86 -15.56
CA TYR C 171 -43.96 -0.70 -14.69
C TYR C 171 -45.22 0.10 -15.00
N ASN C 172 -46.06 0.30 -13.99
CA ASN C 172 -47.27 1.09 -14.14
C ASN C 172 -46.94 2.56 -13.94
N ILE C 173 -47.25 3.39 -14.93
CA ILE C 173 -46.86 4.79 -14.90
C ILE C 173 -47.72 5.57 -13.91
N LYS C 174 -48.95 5.13 -13.66
CA LYS C 174 -49.85 5.86 -12.77
C LYS C 174 -49.65 5.49 -11.30
N SER C 175 -49.28 4.25 -11.01
CA SER C 175 -49.12 3.82 -9.62
C SER C 175 -47.68 3.79 -9.15
N GLY C 176 -46.72 3.59 -10.06
CA GLY C 176 -45.35 3.43 -9.67
C GLY C 176 -44.97 2.03 -9.22
N LYS C 177 -45.91 1.09 -9.23
CA LYS C 177 -45.65 -0.29 -8.86
C LYS C 177 -45.22 -1.11 -10.08
N SER C 178 -44.51 -2.20 -9.81
CA SER C 178 -44.05 -3.10 -10.84
C SER C 178 -44.55 -4.52 -10.58
N PHE C 179 -44.83 -5.24 -11.67
CA PHE C 179 -45.37 -6.59 -11.59
C PHE C 179 -44.73 -7.47 -12.65
N PRO C 180 -44.54 -8.75 -12.35
CA PRO C 180 -44.09 -9.69 -13.37
C PRO C 180 -45.07 -9.74 -14.53
N TYR C 181 -44.51 -9.81 -15.74
CA TYR C 181 -45.30 -9.87 -16.97
C TYR C 181 -45.56 -11.33 -17.29
N ILE C 182 -46.82 -11.75 -17.19
CA ILE C 182 -47.18 -13.14 -17.42
C ILE C 182 -47.52 -13.38 -18.88
N SER C 183 -48.42 -12.58 -19.44
CA SER C 183 -48.79 -12.79 -20.83
C SER C 183 -49.36 -11.50 -21.41
N GLY C 184 -49.10 -11.32 -22.71
CA GLY C 184 -49.75 -10.33 -23.52
C GLY C 184 -50.08 -10.97 -24.86
N LEU C 185 -51.33 -11.35 -25.05
CA LEU C 185 -51.75 -12.02 -26.28
C LEU C 185 -53.16 -11.58 -26.63
N ASP C 186 -53.38 -11.32 -27.92
CA ASP C 186 -54.72 -11.00 -28.43
C ASP C 186 -55.29 -9.76 -27.75
N GLY C 187 -54.43 -8.80 -27.44
CA GLY C 187 -54.86 -7.55 -26.84
C GLY C 187 -55.19 -7.61 -25.37
N ILE C 188 -54.74 -8.63 -24.66
CA ILE C 188 -55.04 -8.81 -23.24
C ILE C 188 -53.73 -8.90 -22.47
N LEU C 189 -53.53 -8.00 -21.52
CA LEU C 189 -52.32 -7.93 -20.72
C LEU C 189 -52.57 -8.54 -19.35
N LYS C 190 -51.74 -9.51 -18.97
CA LYS C 190 -51.89 -10.24 -17.71
C LYS C 190 -50.67 -10.01 -16.84
N ILE C 191 -50.89 -9.74 -15.54
CA ILE C 191 -49.83 -9.40 -14.62
C ILE C 191 -49.98 -10.20 -13.33
N ASP C 192 -48.87 -10.34 -12.61
CA ASP C 192 -48.82 -11.08 -11.35
C ASP C 192 -49.06 -10.12 -10.18
N ILE C 193 -50.03 -10.47 -9.34
CA ILE C 193 -50.32 -9.67 -8.16
C ILE C 193 -50.18 -10.52 -6.91
N ASN C 196 -49.18 -15.40 -5.92
CA ASN C 196 -49.38 -16.18 -7.14
C ASN C 196 -50.80 -15.99 -7.66
N GLN C 197 -51.05 -14.86 -8.32
CA GLN C 197 -52.38 -14.57 -8.85
C GLN C 197 -52.24 -13.77 -10.14
N ILE C 198 -52.88 -14.25 -11.19
CA ILE C 198 -52.92 -13.57 -12.48
C ILE C 198 -54.12 -12.64 -12.50
N VAL C 199 -53.97 -11.48 -13.12
CA VAL C 199 -55.11 -10.57 -13.31
C VAL C 199 -54.98 -9.92 -14.68
N GLU C 200 -56.09 -9.87 -15.42
CA GLU C 200 -56.17 -9.11 -16.66
C GLU C 200 -56.41 -7.65 -16.32
N VAL C 201 -55.67 -6.77 -16.97
CA VAL C 201 -55.72 -5.34 -16.64
C VAL C 201 -56.70 -4.65 -17.57
N ALA C 202 -57.35 -3.61 -17.05
CA ALA C 202 -58.32 -2.85 -17.82
C ALA C 202 -57.70 -1.70 -18.59
N TYR C 203 -56.63 -1.09 -18.06
CA TYR C 203 -55.93 -0.01 -18.74
C TYR C 203 -54.53 -0.49 -19.07
N PRO C 204 -54.36 -1.29 -20.13
CA PRO C 204 -53.01 -1.77 -20.48
C PRO C 204 -52.11 -0.67 -21.00
N GLU C 205 -52.67 0.46 -21.44
CA GLU C 205 -51.85 1.59 -21.88
C GLU C 205 -51.02 2.19 -20.76
N ASN C 206 -51.36 1.91 -19.50
CA ASN C 206 -50.61 2.42 -18.36
C ASN C 206 -49.41 1.55 -17.99
N TYR C 207 -49.05 0.58 -18.83
CA TYR C 207 -48.00 -0.38 -18.50
C TYR C 207 -46.91 -0.34 -19.55
N LEU C 208 -45.67 -0.15 -19.08
CA LEU C 208 -44.48 -0.21 -19.91
C LEU C 208 -43.57 -1.32 -19.41
N PHE C 209 -42.70 -1.80 -20.30
CA PHE C 209 -41.68 -2.78 -19.93
C PHE C 209 -40.47 -2.07 -19.34
N ASN C 210 -39.99 -2.58 -18.20
CA ASN C 210 -38.82 -2.03 -17.54
C ASN C 210 -37.64 -2.96 -17.77
N PHE C 211 -36.51 -2.40 -18.19
CA PHE C 211 -35.34 -3.17 -18.57
C PHE C 211 -34.21 -2.91 -17.58
N THR C 212 -33.73 -3.99 -16.96
CA THR C 212 -32.57 -3.92 -16.09
C THR C 212 -31.30 -4.17 -16.90
N THR C 213 -30.14 -3.97 -16.26
CA THR C 213 -28.88 -4.28 -16.91
C THR C 213 -28.81 -5.76 -17.27
N ARG C 214 -29.49 -6.61 -16.50
CA ARG C 214 -29.53 -8.03 -16.83
C ARG C 214 -30.29 -8.28 -18.13
N ASP C 215 -31.48 -7.66 -18.26
CA ASP C 215 -32.22 -7.77 -19.51
C ASP C 215 -31.44 -7.16 -20.66
N ALA C 216 -30.68 -6.10 -20.41
CA ALA C 216 -29.87 -5.50 -21.46
C ALA C 216 -28.82 -6.48 -21.97
N GLU C 217 -28.22 -7.27 -21.08
CA GLU C 217 -27.34 -8.34 -21.51
C GLU C 217 -28.10 -9.36 -22.36
N LYS C 218 -29.30 -9.73 -21.92
CA LYS C 218 -30.06 -10.76 -22.61
C LYS C 218 -30.48 -10.29 -24.00
N TYR C 219 -31.01 -9.08 -24.10
CA TYR C 219 -31.51 -8.56 -25.37
C TYR C 219 -30.45 -7.77 -26.14
N GLY C 220 -29.22 -7.68 -25.62
CA GLY C 220 -28.09 -7.29 -26.43
C GLY C 220 -27.74 -5.83 -26.48
N PHE C 221 -28.30 -5.00 -25.60
CA PHE C 221 -27.93 -3.58 -25.55
C PHE C 221 -27.25 -3.22 -24.23
N SER C 222 -26.63 -4.20 -23.56
CA SER C 222 -25.92 -3.92 -22.31
C SER C 222 -24.74 -3.00 -22.50
N LYS C 223 -24.18 -2.93 -23.71
CA LYS C 223 -23.01 -2.09 -23.94
C LYS C 223 -23.38 -0.61 -23.83
N GLU C 224 -24.47 -0.20 -24.47
CA GLU C 224 -24.91 1.19 -24.37
C GLU C 224 -25.34 1.52 -22.95
N VAL C 225 -25.91 0.55 -22.23
CA VAL C 225 -26.30 0.77 -20.84
C VAL C 225 -25.08 1.07 -19.99
N HIS C 226 -24.00 0.32 -20.17
CA HIS C 226 -22.78 0.55 -19.40
C HIS C 226 -22.16 1.91 -19.74
N GLU C 227 -22.11 2.26 -21.02
CA GLU C 227 -21.57 3.55 -21.41
C GLU C 227 -22.37 4.69 -20.79
N ILE C 228 -23.69 4.53 -20.73
CA ILE C 228 -24.55 5.57 -20.15
C ILE C 228 -24.25 5.74 -18.67
N TYR C 229 -24.14 4.63 -17.95
CA TYR C 229 -23.88 4.70 -16.51
C TYR C 229 -22.48 5.21 -16.21
N LYS C 230 -21.53 4.97 -17.10
CA LYS C 230 -20.15 5.42 -16.89
C LYS C 230 -19.93 6.86 -17.32
N ASN C 231 -20.64 7.33 -18.34
CA ASN C 231 -20.39 8.64 -18.93
C ASN C 231 -21.51 9.65 -18.72
N LYS C 232 -22.77 9.23 -18.82
CA LYS C 232 -23.90 10.15 -18.76
C LYS C 232 -24.50 10.28 -17.36
N VAL C 233 -23.82 9.78 -16.34
CA VAL C 233 -24.31 9.95 -14.97
C VAL C 233 -23.75 11.20 -14.32
N PHE C 234 -22.47 11.51 -14.58
CA PHE C 234 -21.91 12.76 -14.06
C PHE C 234 -22.62 13.97 -14.62
N GLU C 235 -23.11 13.88 -15.87
CA GLU C 235 -23.94 14.95 -16.42
C GLU C 235 -25.27 15.05 -15.70
N GLY C 236 -25.72 13.96 -15.05
CA GLY C 236 -26.92 14.04 -14.23
C GLY C 236 -26.69 14.80 -12.94
N PHE C 237 -25.54 14.59 -12.30
CA PHE C 237 -25.18 15.38 -11.13
C PHE C 237 -25.13 16.86 -11.45
N LYS C 238 -24.72 17.22 -12.67
CA LYS C 238 -24.59 18.62 -13.05
C LYS C 238 -25.89 19.22 -13.54
N LYS C 239 -26.81 18.41 -14.06
CA LYS C 239 -28.10 18.93 -14.49
C LYS C 239 -29.04 19.21 -13.33
N ILE C 240 -28.66 18.85 -12.11
CA ILE C 240 -29.53 18.96 -10.93
C ILE C 240 -30.08 20.38 -10.76
N PRO C 241 -29.25 21.43 -10.65
CA PRO C 241 -29.81 22.76 -10.40
C PRO C 241 -30.72 23.28 -11.50
N LYS C 242 -30.59 22.78 -12.72
CA LYS C 242 -31.45 23.18 -13.84
C LYS C 242 -32.65 22.26 -14.02
N THR C 243 -32.42 20.94 -14.04
CA THR C 243 -33.51 20.00 -14.28
C THR C 243 -34.49 19.97 -13.11
N LEU C 244 -33.98 20.02 -11.88
CA LEU C 244 -34.81 19.99 -10.68
C LEU C 244 -35.03 21.38 -10.11
N GLY C 245 -35.04 22.41 -10.97
CA GLY C 245 -35.15 23.78 -10.48
C GLY C 245 -36.40 24.03 -9.65
N PHE C 246 -37.47 23.29 -9.93
CA PHE C 246 -38.71 23.45 -9.14
C PHE C 246 -38.49 23.15 -7.66
N LEU C 247 -37.39 22.50 -7.30
CA LEU C 247 -37.07 22.25 -5.91
C LEU C 247 -36.49 23.47 -5.20
N ASN C 248 -36.36 24.62 -5.88
CA ASN C 248 -35.79 25.79 -5.24
C ASN C 248 -36.64 26.33 -4.10
N LYS C 249 -37.89 25.89 -3.98
CA LYS C 249 -38.76 26.34 -2.91
C LYS C 249 -38.41 25.72 -1.56
N ILE C 250 -37.57 24.68 -1.54
CA ILE C 250 -37.23 24.03 -0.28
C ILE C 250 -35.73 23.94 -0.08
N THR C 251 -34.95 24.21 -1.12
CA THR C 251 -33.50 24.10 -1.00
C THR C 251 -32.82 24.92 -2.10
N ASN C 252 -31.56 25.25 -1.85
CA ASN C 252 -30.70 25.92 -2.83
C ASN C 252 -29.86 24.83 -3.51
N LEU C 253 -30.21 24.50 -4.75
CA LEU C 253 -29.53 23.44 -5.48
C LEU C 253 -28.14 23.84 -5.95
N ASN C 254 -27.67 25.04 -5.65
CA ASN C 254 -26.34 25.47 -6.02
C ASN C 254 -25.36 25.48 -4.86
N GLU C 255 -25.83 25.22 -3.64
CA GLU C 255 -24.96 25.14 -2.46
C GLU C 255 -24.74 23.66 -2.16
N ASN C 256 -23.64 23.12 -2.67
CA ASN C 256 -23.33 21.71 -2.50
C ASN C 256 -22.88 21.43 -1.08
N TYR C 257 -22.95 20.15 -0.70
CA TYR C 257 -22.55 19.76 0.65
C TYR C 257 -21.04 19.82 0.79
N GLN C 258 -20.58 20.34 1.93
CA GLN C 258 -19.17 20.56 2.19
C GLN C 258 -18.62 19.33 2.91
N LEU C 259 -17.88 18.49 2.18
CA LEU C 259 -17.20 17.38 2.83
C LEU C 259 -15.96 17.95 3.50
N LYS C 260 -16.19 18.52 4.67
CA LYS C 260 -15.11 19.03 5.51
C LYS C 260 -14.05 17.96 5.71
N ASP C 261 -12.79 18.37 5.67
CA ASP C 261 -11.70 17.41 5.86
C ASP C 261 -11.62 17.00 7.32
N GLY C 262 -11.19 15.76 7.55
CA GLY C 262 -11.25 15.17 8.86
C GLY C 262 -12.55 14.47 9.16
N TYR C 263 -13.60 14.73 8.38
CA TYR C 263 -14.83 13.95 8.43
C TYR C 263 -14.80 12.81 7.42
N LYS C 264 -13.65 12.60 6.79
CA LYS C 264 -13.47 11.59 5.77
C LYS C 264 -12.22 10.80 6.11
N ILE C 265 -12.37 9.49 6.33
CA ILE C 265 -11.30 8.66 6.88
C ILE C 265 -11.16 7.40 6.03
N PHE C 266 -9.92 7.11 5.63
CA PHE C 266 -9.58 5.90 4.89
C PHE C 266 -9.05 4.87 5.89
N ILE C 267 -9.73 3.74 5.99
CA ILE C 267 -9.37 2.70 6.95
C ILE C 267 -8.68 1.57 6.21
N ASN C 268 -7.56 1.12 6.75
CA ASN C 268 -6.79 0.01 6.20
C ASN C 268 -6.98 -1.22 7.07
N VAL C 269 -7.43 -2.31 6.46
CA VAL C 269 -7.70 -3.55 7.15
C VAL C 269 -6.53 -4.51 6.94
N ILE C 270 -5.85 -4.87 8.02
CA ILE C 270 -4.67 -5.73 7.97
C ILE C 270 -5.09 -7.13 8.40
N TYR C 271 -4.85 -8.11 7.52
CA TYR C 271 -5.13 -9.51 7.81
C TYR C 271 -3.90 -10.16 8.44
N LYS C 272 -4.08 -10.78 9.59
CA LYS C 272 -3.01 -11.53 10.26
C LYS C 272 -3.12 -13.00 9.88
N PHE C 273 -2.07 -13.51 9.23
CA PHE C 273 -1.99 -14.91 8.86
C PHE C 273 -1.01 -15.63 9.78
N LYS C 274 -0.63 -16.85 9.42
CA LYS C 274 0.29 -17.61 10.26
C LYS C 274 1.70 -17.02 10.20
N ASN C 275 2.19 -16.75 9.00
CA ASN C 275 3.58 -16.38 8.79
C ASN C 275 3.77 -14.92 8.37
N GLY C 276 2.72 -14.11 8.45
CA GLY C 276 2.86 -12.71 8.09
C GLY C 276 1.51 -12.03 8.10
N GLU C 277 1.56 -10.71 7.89
CA GLU C 277 0.39 -9.85 7.87
C GLU C 277 0.32 -9.11 6.53
N SER C 278 -0.89 -8.71 6.13
CA SER C 278 -1.07 -8.03 4.87
C SER C 278 -2.46 -7.41 4.81
N ARG C 279 -2.59 -6.34 4.03
CA ARG C 279 -3.89 -5.75 3.73
C ARG C 279 -4.57 -6.44 2.55
N TYR C 280 -3.99 -7.52 2.04
CA TYR C 280 -4.52 -8.27 0.91
C TYR C 280 -5.01 -9.62 1.40
N ALA C 281 -6.30 -9.90 1.20
CA ALA C 281 -6.85 -11.18 1.61
C ALA C 281 -6.17 -12.33 0.89
N LYS C 282 -5.85 -12.16 -0.40
CA LYS C 282 -5.27 -13.23 -1.19
C LYS C 282 -3.86 -13.60 -0.74
N ASP C 283 -3.23 -12.79 0.11
CA ASP C 283 -1.94 -13.18 0.67
C ASP C 283 -2.05 -14.34 1.66
N VAL C 284 -3.26 -14.85 1.92
CA VAL C 284 -3.40 -16.06 2.73
C VAL C 284 -2.65 -17.22 2.06
N PHE C 285 -2.56 -17.21 0.73
CA PHE C 285 -1.82 -18.24 0.03
C PHE C 285 -0.32 -18.07 0.19
N LYS C 286 0.13 -16.88 0.57
CA LYS C 286 1.54 -16.60 0.81
C LYS C 286 1.95 -16.93 2.24
N TYR C 287 1.07 -16.69 3.22
CA TYR C 287 1.42 -16.81 4.62
C TYR C 287 0.65 -17.90 5.37
N SER C 288 -0.27 -18.60 4.69
CA SER C 288 -1.01 -19.74 5.25
C SER C 288 -2.07 -19.32 6.25
N PHE C 289 -3.05 -20.20 6.50
CA PHE C 289 -4.07 -19.92 7.50
C PHE C 289 -3.45 -19.57 8.84
N TYR C 290 -4.03 -18.57 9.50
CA TYR C 290 -3.63 -18.24 10.87
C TYR C 290 -3.62 -19.48 11.74
N LYS C 291 -4.65 -20.33 11.61
CA LYS C 291 -4.70 -21.62 12.29
C LYS C 291 -5.20 -22.65 11.31
N ASN C 292 -4.39 -23.68 11.06
CA ASN C 292 -4.83 -24.81 10.27
C ASN C 292 -4.22 -26.09 10.84
N GLU C 293 -3.27 -26.68 10.10
CA GLU C 293 -2.61 -27.92 10.51
C GLU C 293 -3.62 -29.04 10.72
N GLN C 294 -4.72 -28.98 9.99
CA GLN C 294 -5.81 -29.94 10.01
C GLN C 294 -5.84 -30.72 8.69
N PRO C 295 -6.45 -31.90 8.67
CA PRO C 295 -6.56 -32.65 7.41
C PRO C 295 -7.76 -32.23 6.58
N LEU C 296 -7.55 -32.17 5.27
CA LEU C 296 -8.60 -31.90 4.31
C LEU C 296 -9.05 -33.24 3.72
N LYS C 297 -10.21 -33.71 4.15
CA LYS C 297 -10.77 -34.97 3.72
C LYS C 297 -11.97 -34.73 2.82
N ALA C 298 -12.13 -35.56 1.80
CA ALA C 298 -13.20 -35.32 0.83
C ALA C 298 -13.58 -36.62 0.12
N ILE C 299 -14.81 -36.64 -0.39
CA ILE C 299 -15.28 -37.65 -1.32
C ILE C 299 -16.02 -36.93 -2.45
N PHE C 300 -16.35 -37.68 -3.50
CA PHE C 300 -16.91 -37.13 -4.73
C PHE C 300 -18.29 -37.71 -5.00
N PHE C 301 -19.21 -36.84 -5.43
CA PHE C 301 -20.53 -37.27 -5.88
C PHE C 301 -20.74 -36.80 -7.31
N PHE C 302 -21.13 -37.74 -8.18
CA PHE C 302 -21.39 -37.46 -9.58
C PHE C 302 -22.85 -37.74 -9.89
N SER C 303 -23.41 -36.96 -10.82
CA SER C 303 -24.81 -37.13 -11.19
C SER C 303 -25.04 -38.38 -12.04
N SER C 304 -24.00 -38.89 -12.69
CA SER C 304 -24.10 -40.07 -13.52
C SER C 304 -22.70 -40.58 -13.81
N LYS C 305 -22.63 -41.83 -14.29
CA LYS C 305 -21.37 -42.35 -14.81
C LYS C 305 -20.89 -41.52 -15.99
N LYS C 306 -21.84 -41.06 -16.83
CA LYS C 306 -21.49 -40.25 -17.99
C LYS C 306 -20.82 -38.94 -17.57
N GLN C 307 -21.38 -38.26 -16.57
CA GLN C 307 -20.78 -37.02 -16.09
C GLN C 307 -19.36 -37.26 -15.59
N PHE C 308 -19.13 -38.40 -14.91
CA PHE C 308 -17.79 -38.74 -14.46
C PHE C 308 -16.82 -38.82 -15.64
N PHE C 309 -17.21 -39.53 -16.69
CA PHE C 309 -16.32 -39.70 -17.83
C PHE C 309 -16.10 -38.40 -18.59
N GLU C 310 -17.06 -37.47 -18.51
CA GLU C 310 -16.88 -36.18 -19.17
C GLU C 310 -15.74 -35.38 -18.53
N VAL C 311 -15.52 -35.53 -17.22
CA VAL C 311 -14.55 -34.74 -16.49
C VAL C 311 -13.40 -35.59 -15.98
N GLN C 312 -13.28 -36.84 -16.43
CA GLN C 312 -12.27 -37.74 -15.89
C GLN C 312 -10.86 -37.18 -16.09
N LYS C 313 -10.61 -36.53 -17.23
CA LYS C 313 -9.28 -35.98 -17.50
C LYS C 313 -8.95 -34.87 -16.51
N SER C 314 -9.86 -33.92 -16.34
CA SER C 314 -9.64 -32.86 -15.37
C SER C 314 -9.53 -33.43 -13.96
N LEU C 315 -10.30 -34.47 -13.65
CA LEU C 315 -10.23 -35.10 -12.33
C LEU C 315 -8.84 -35.70 -12.09
N LYS C 316 -8.29 -36.40 -13.08
CA LYS C 316 -6.96 -36.97 -12.94
C LYS C 316 -5.91 -35.88 -12.81
N GLU C 317 -6.03 -34.81 -13.61
CA GLU C 317 -5.09 -33.70 -13.52
C GLU C 317 -5.11 -33.07 -12.13
N LEU C 318 -6.30 -32.90 -11.56
CA LEU C 318 -6.40 -32.19 -10.29
C LEU C 318 -6.10 -33.10 -9.11
N PHE C 319 -6.52 -34.36 -9.15
CA PHE C 319 -6.50 -35.19 -7.96
C PHE C 319 -5.61 -36.42 -8.04
N HIS C 320 -5.18 -36.82 -9.24
CA HIS C 320 -4.18 -37.88 -9.35
C HIS C 320 -2.75 -37.35 -9.38
N ASN C 321 -2.57 -36.08 -9.78
CA ASN C 321 -1.27 -35.41 -9.68
C ASN C 321 -1.21 -34.78 -8.29
N LYS C 322 -0.45 -35.42 -7.40
CA LYS C 322 -0.32 -34.94 -6.02
C LYS C 322 0.34 -33.58 -5.92
N HIS C 323 0.71 -32.97 -7.06
CA HIS C 323 1.29 -31.62 -7.08
C HIS C 323 0.49 -30.67 -7.96
N SER C 324 -0.77 -31.00 -8.22
CA SER C 324 -1.66 -30.12 -8.96
C SER C 324 -1.92 -28.85 -8.16
N VAL C 325 -2.62 -27.91 -8.80
CA VAL C 325 -2.99 -26.66 -8.13
C VAL C 325 -3.88 -26.94 -6.93
N PHE C 326 -4.62 -28.05 -6.94
CA PHE C 326 -5.46 -28.38 -5.79
C PHE C 326 -4.61 -28.70 -4.56
N TYR C 327 -3.58 -29.54 -4.75
CA TYR C 327 -2.72 -29.91 -3.63
C TYR C 327 -1.79 -28.76 -3.22
N ARG C 328 -1.40 -27.92 -4.17
CA ARG C 328 -0.55 -26.78 -3.82
C ARG C 328 -1.32 -25.74 -3.02
N ALA C 329 -2.56 -25.46 -3.39
CA ALA C 329 -3.37 -24.53 -2.62
C ALA C 329 -3.65 -25.06 -1.22
N ALA C 330 -3.85 -26.37 -1.09
CA ALA C 330 -4.07 -26.96 0.23
C ALA C 330 -2.81 -26.86 1.08
N ALA C 331 -1.64 -27.10 0.49
CA ALA C 331 -0.39 -26.96 1.24
C ALA C 331 -0.14 -25.51 1.62
N GLU C 332 -0.39 -24.58 0.70
CA GLU C 332 -0.15 -23.17 0.98
C GLU C 332 -1.06 -22.66 2.08
N LEU C 333 -2.26 -23.22 2.22
CA LEU C 333 -3.18 -22.76 3.25
C LEU C 333 -2.95 -23.42 4.59
N GLY C 334 -2.08 -24.42 4.68
CA GLY C 334 -1.70 -25.00 5.95
C GLY C 334 -2.35 -26.32 6.29
N PHE C 335 -2.98 -26.99 5.33
CA PHE C 335 -3.59 -28.29 5.60
C PHE C 335 -2.52 -29.33 5.84
N SER C 336 -2.68 -30.09 6.93
CA SER C 336 -1.69 -31.11 7.27
C SER C 336 -1.59 -32.17 6.17
N LYS C 337 -2.70 -32.48 5.52
CA LYS C 337 -2.68 -33.45 4.43
C LYS C 337 -4.00 -33.36 3.66
N VAL C 338 -4.03 -34.02 2.51
CA VAL C 338 -5.22 -34.19 1.70
C VAL C 338 -5.51 -35.69 1.63
N GLU C 339 -6.75 -36.07 1.89
CA GLU C 339 -7.13 -37.48 1.92
C GLU C 339 -8.50 -37.64 1.28
N PHE C 340 -8.58 -38.48 0.26
CA PHE C 340 -9.84 -38.83 -0.38
C PHE C 340 -10.28 -40.18 0.15
N LEU C 341 -11.33 -40.16 0.96
CA LEU C 341 -11.78 -41.38 1.63
C LEU C 341 -12.34 -42.37 0.62
N ARG C 342 -12.04 -43.64 0.84
CA ARG C 342 -12.42 -44.71 -0.08
C ARG C 342 -13.35 -45.69 0.63
N ASP C 343 -14.43 -46.05 -0.05
CA ASP C 343 -15.27 -47.16 0.41
C ASP C 343 -14.50 -48.44 0.20
N SER C 344 -14.11 -49.10 1.29
CA SER C 344 -13.40 -50.37 1.19
C SER C 344 -14.22 -51.40 0.40
N LYS C 345 -15.55 -51.24 0.40
CA LYS C 345 -16.40 -52.14 -0.36
C LYS C 345 -16.29 -51.89 -1.85
N THR C 346 -16.45 -50.63 -2.28
CA THR C 346 -16.43 -50.30 -3.70
C THR C 346 -15.05 -49.87 -4.21
N LYS C 347 -14.06 -49.71 -3.33
CA LYS C 347 -12.67 -49.40 -3.68
C LYS C 347 -12.51 -47.95 -4.16
N SER C 348 -13.54 -47.13 -4.03
CA SER C 348 -13.57 -45.83 -4.70
C SER C 348 -13.92 -44.70 -3.73
N SER C 349 -13.49 -43.50 -4.10
CA SER C 349 -13.88 -42.27 -3.44
C SER C 349 -15.04 -41.59 -4.16
N ALA C 350 -15.59 -42.22 -5.19
CA ALA C 350 -16.60 -41.62 -6.05
C ALA C 350 -17.94 -42.31 -5.85
N PHE C 351 -19.01 -41.51 -5.80
CA PHE C 351 -20.34 -42.02 -5.58
C PHE C 351 -21.30 -41.27 -6.49
N LEU C 352 -22.50 -41.83 -6.64
CA LEU C 352 -23.52 -41.22 -7.46
C LEU C 352 -24.58 -40.56 -6.59
N TYR C 353 -25.21 -39.53 -7.15
CA TYR C 353 -26.42 -38.96 -6.58
C TYR C 353 -27.45 -38.85 -7.70
N ASN C 354 -28.73 -38.86 -7.31
CA ASN C 354 -29.81 -38.77 -8.28
C ASN C 354 -30.07 -37.31 -8.61
N PRO C 355 -29.83 -36.86 -9.85
CA PRO C 355 -30.00 -35.43 -10.16
C PRO C 355 -31.45 -34.99 -10.18
N GLU C 356 -32.40 -35.89 -10.41
CA GLU C 356 -33.81 -35.50 -10.44
C GLU C 356 -34.31 -35.12 -9.05
N GLU C 357 -34.13 -36.00 -8.07
CA GLU C 357 -34.58 -35.75 -6.71
C GLU C 357 -33.51 -35.16 -5.82
N PHE C 358 -32.25 -35.10 -6.28
CA PHE C 358 -31.14 -34.59 -5.50
C PHE C 358 -30.98 -35.39 -4.20
N THR C 359 -30.89 -36.71 -4.35
CA THR C 359 -30.82 -37.62 -3.23
C THR C 359 -29.59 -38.50 -3.35
N VAL C 360 -29.14 -39.01 -2.21
CA VAL C 360 -28.01 -39.92 -2.11
C VAL C 360 -28.47 -41.16 -1.37
N LYS C 361 -28.03 -42.33 -1.84
CA LYS C 361 -28.36 -43.57 -1.17
C LYS C 361 -27.46 -43.73 0.05
N ASN C 362 -28.06 -43.77 1.24
CA ASN C 362 -27.31 -43.95 2.46
C ASN C 362 -26.64 -45.32 2.46
N THR C 363 -25.35 -45.36 2.81
CA THR C 363 -24.58 -46.59 2.83
C THR C 363 -23.84 -46.68 4.16
N GLU C 364 -23.30 -47.88 4.43
CA GLU C 364 -22.47 -48.06 5.61
C GLU C 364 -21.30 -47.09 5.60
N PHE C 365 -20.60 -46.98 4.47
CA PHE C 365 -19.44 -46.09 4.37
C PHE C 365 -19.84 -44.64 4.60
N ILE C 366 -20.86 -44.17 3.88
CA ILE C 366 -21.29 -42.77 4.03
C ILE C 366 -21.76 -42.50 5.45
N ASN C 367 -22.54 -43.44 6.03
CA ASN C 367 -23.08 -43.22 7.36
C ASN C 367 -21.99 -43.20 8.42
N GLN C 368 -20.94 -44.01 8.26
CA GLN C 368 -19.88 -44.08 9.26
C GLN C 368 -18.90 -42.93 9.18
N ILE C 369 -19.00 -42.08 8.16
CA ILE C 369 -18.09 -40.95 8.06
C ILE C 369 -18.30 -40.04 9.25
N GLU C 370 -17.23 -39.83 10.02
CA GLU C 370 -17.21 -38.90 11.12
C GLU C 370 -16.35 -37.70 10.74
N ASP C 371 -16.44 -36.65 11.57
CA ASP C 371 -15.58 -35.47 11.46
C ASP C 371 -15.90 -34.60 10.26
N ASN C 372 -14.89 -33.87 9.78
CA ASN C 372 -15.06 -32.88 8.71
C ASN C 372 -14.66 -33.52 7.40
N VAL C 373 -15.65 -33.85 6.56
CA VAL C 373 -15.41 -34.45 5.26
C VAL C 373 -16.21 -33.67 4.23
N MET C 374 -15.51 -33.15 3.22
CA MET C 374 -16.15 -32.39 2.16
C MET C 374 -16.81 -33.34 1.16
N ALA C 375 -17.99 -32.97 0.69
CA ALA C 375 -18.66 -33.69 -0.37
C ALA C 375 -18.56 -32.84 -1.64
N ILE C 376 -17.62 -33.20 -2.51
CA ILE C 376 -17.46 -32.53 -3.80
C ILE C 376 -18.55 -33.05 -4.72
N VAL C 377 -19.59 -32.24 -4.93
CA VAL C 377 -20.78 -32.64 -5.66
C VAL C 377 -20.77 -31.88 -6.98
N LEU C 378 -20.60 -32.61 -8.08
CA LEU C 378 -20.51 -31.99 -9.40
C LEU C 378 -21.91 -31.72 -9.93
N LEU C 379 -22.17 -30.46 -10.25
CA LEU C 379 -23.45 -30.03 -10.82
C LEU C 379 -23.32 -29.94 -12.33
N ASP C 380 -24.30 -30.51 -13.04
CA ASP C 380 -24.28 -30.44 -14.50
C ASP C 380 -24.46 -29.01 -14.98
N LYS C 381 -25.18 -28.18 -14.22
CA LYS C 381 -25.41 -26.79 -14.58
C LYS C 381 -25.91 -26.09 -13.33
N TYR C 382 -25.92 -24.76 -13.38
CA TYR C 382 -26.48 -23.97 -12.28
C TYR C 382 -27.92 -24.40 -12.03
N ILE C 383 -28.25 -24.62 -10.76
CA ILE C 383 -29.55 -25.16 -10.37
C ILE C 383 -30.40 -24.03 -9.83
N GLY C 384 -31.61 -23.88 -10.38
CA GLY C 384 -32.48 -22.80 -9.94
C GLY C 384 -32.95 -22.96 -8.50
N ASN C 385 -33.33 -24.17 -8.12
CA ASN C 385 -33.76 -24.47 -6.75
C ASN C 385 -32.84 -25.56 -6.18
N ILE C 386 -31.83 -25.14 -5.42
CA ILE C 386 -30.87 -26.08 -4.86
C ILE C 386 -31.24 -26.53 -3.45
N ASP C 387 -32.36 -26.03 -2.90
CA ASP C 387 -32.82 -26.46 -1.58
C ASP C 387 -32.95 -27.98 -1.44
N PRO C 388 -33.52 -28.72 -2.39
CA PRO C 388 -33.58 -30.18 -2.23
C PRO C 388 -32.21 -30.83 -2.04
N LEU C 389 -31.19 -30.36 -2.76
CA LEU C 389 -29.86 -30.93 -2.59
C LEU C 389 -29.35 -30.74 -1.16
N VAL C 390 -29.54 -29.54 -0.60
CA VAL C 390 -29.11 -29.27 0.76
C VAL C 390 -29.97 -30.03 1.76
N ARG C 391 -31.29 -30.07 1.53
CA ARG C 391 -32.20 -30.68 2.49
C ARG C 391 -32.01 -32.19 2.54
N ASN C 392 -31.76 -32.83 1.41
CA ASN C 392 -31.71 -34.29 1.33
C ASN C 392 -30.31 -34.86 1.56
N PHE C 393 -29.30 -34.01 1.64
CA PHE C 393 -27.93 -34.50 1.71
C PHE C 393 -27.60 -34.99 3.11
N PRO C 394 -26.75 -36.02 3.22
CA PRO C 394 -26.37 -36.52 4.55
C PRO C 394 -25.73 -35.44 5.39
N ASP C 395 -26.20 -35.31 6.64
CA ASP C 395 -25.78 -34.19 7.48
C ASP C 395 -24.38 -34.35 8.04
N ASN C 396 -23.82 -35.56 8.01
CA ASN C 396 -22.45 -35.75 8.45
C ASN C 396 -21.43 -35.39 7.38
N LEU C 397 -21.87 -34.86 6.24
CA LEU C 397 -20.99 -34.38 5.18
C LEU C 397 -21.13 -32.88 5.03
N ILE C 398 -20.03 -32.23 4.64
CA ILE C 398 -20.01 -30.80 4.36
C ILE C 398 -20.18 -30.62 2.86
N LEU C 399 -21.38 -30.22 2.46
CA LEU C 399 -21.75 -30.12 1.05
C LEU C 399 -20.95 -29.03 0.35
N GLN C 400 -20.20 -29.42 -0.68
CA GLN C 400 -19.36 -28.51 -1.45
C GLN C 400 -19.62 -28.69 -2.94
N PRO C 401 -20.76 -28.23 -3.43
CA PRO C 401 -21.07 -28.35 -4.85
C PRO C 401 -20.16 -27.45 -5.70
N ILE C 402 -19.99 -27.86 -6.94
CA ILE C 402 -19.16 -27.15 -7.90
C ILE C 402 -19.67 -27.47 -9.30
N LEU C 403 -19.69 -26.46 -10.16
CA LEU C 403 -20.20 -26.64 -11.51
C LEU C 403 -19.25 -27.52 -12.32
N LYS C 404 -19.82 -28.48 -13.05
CA LYS C 404 -19.02 -29.34 -13.92
C LYS C 404 -18.17 -28.51 -14.89
N GLU C 405 -18.72 -27.42 -15.40
CA GLU C 405 -18.00 -26.57 -16.33
C GLU C 405 -16.70 -26.05 -15.73
N LYS C 406 -16.73 -25.64 -14.46
CA LYS C 406 -15.55 -25.09 -13.82
C LYS C 406 -14.51 -26.15 -13.50
N LEU C 407 -14.86 -27.42 -13.65
CA LEU C 407 -13.87 -28.49 -13.60
C LEU C 407 -13.32 -28.83 -14.98
N GLU C 408 -14.14 -28.70 -16.03
CA GLU C 408 -13.67 -29.00 -17.38
C GLU C 408 -12.57 -28.04 -17.82
N ASP C 409 -12.83 -26.73 -17.75
CA ASP C 409 -11.83 -25.72 -18.06
C ASP C 409 -11.28 -25.20 -16.73
N ILE C 410 -10.16 -25.78 -16.31
CA ILE C 410 -9.61 -25.51 -14.99
C ILE C 410 -9.04 -24.09 -14.97
N LYS C 411 -9.61 -23.24 -14.11
CA LYS C 411 -9.03 -21.95 -13.80
C LYS C 411 -8.42 -22.00 -12.41
N PRO C 412 -7.12 -21.73 -12.27
CA PRO C 412 -6.49 -21.93 -10.96
C PRO C 412 -7.10 -21.13 -9.82
N PHE C 413 -7.43 -19.86 -10.03
CA PHE C 413 -7.96 -19.07 -8.92
C PHE C 413 -9.30 -19.61 -8.42
N ILE C 414 -10.06 -20.27 -9.30
CA ILE C 414 -11.31 -20.91 -8.87
C ILE C 414 -11.02 -22.12 -8.00
N ILE C 415 -10.03 -22.93 -8.38
CA ILE C 415 -9.66 -24.09 -7.58
C ILE C 415 -9.12 -23.64 -6.22
N LYS C 416 -8.23 -22.64 -6.22
CA LYS C 416 -7.69 -22.14 -4.95
C LYS C 416 -8.79 -21.60 -4.05
N SER C 417 -9.74 -20.84 -4.62
CA SER C 417 -10.82 -20.31 -3.80
C SER C 417 -11.73 -21.43 -3.30
N TYR C 418 -11.92 -22.47 -4.12
CA TYR C 418 -12.68 -23.63 -3.70
C TYR C 418 -12.02 -24.31 -2.50
N VAL C 419 -10.69 -24.44 -2.53
CA VAL C 419 -9.97 -24.99 -1.38
C VAL C 419 -10.06 -24.04 -0.19
N TYR C 420 -10.04 -22.74 -0.46
CA TYR C 420 -10.21 -21.75 0.61
C TYR C 420 -11.56 -21.93 1.29
N LYS C 421 -12.63 -22.04 0.49
CA LYS C 421 -13.96 -22.24 1.05
C LYS C 421 -14.01 -23.48 1.94
N MET C 422 -13.38 -24.56 1.50
CA MET C 422 -13.32 -25.77 2.32
C MET C 422 -12.68 -25.50 3.67
N GLY C 423 -11.54 -24.79 3.67
CA GLY C 423 -10.94 -24.42 4.94
C GLY C 423 -11.85 -23.54 5.78
N ASN C 424 -12.54 -22.59 5.13
CA ASN C 424 -13.50 -21.74 5.83
C ASN C 424 -14.56 -22.57 6.55
N PHE C 425 -14.89 -23.75 6.02
CA PHE C 425 -15.94 -24.60 6.57
C PHE C 425 -15.44 -25.61 7.59
N ILE C 426 -14.15 -25.60 7.90
CA ILE C 426 -13.58 -26.47 8.92
C ILE C 426 -13.52 -25.68 10.23
N PRO C 427 -14.31 -26.03 11.25
CA PRO C 427 -14.37 -25.17 12.45
C PRO C 427 -13.07 -25.09 13.22
N GLU C 428 -12.17 -26.07 13.08
CA GLU C 428 -10.88 -25.98 13.72
C GLU C 428 -9.91 -25.09 12.96
N CYS C 429 -10.29 -24.62 11.77
CA CYS C 429 -9.45 -23.71 10.99
C CYS C 429 -9.83 -22.26 11.26
N LYS C 430 -8.85 -21.39 11.08
CA LYS C 430 -9.09 -19.95 11.05
C LYS C 430 -8.22 -19.36 9.95
N PRO C 431 -8.81 -18.96 8.82
CA PRO C 431 -7.99 -18.40 7.73
C PRO C 431 -7.17 -17.18 8.13
N PHE C 432 -7.70 -16.34 9.02
CA PHE C 432 -7.01 -15.13 9.46
C PHE C 432 -7.76 -14.54 10.64
N ILE C 433 -7.06 -13.70 11.39
CA ILE C 433 -7.70 -12.76 12.31
C ILE C 433 -7.32 -11.36 11.88
N LEU C 434 -8.20 -10.40 12.16
CA LEU C 434 -7.91 -9.01 11.84
C LEU C 434 -7.04 -8.39 12.93
N LYS C 435 -6.00 -7.68 12.50
CA LYS C 435 -5.07 -7.08 13.46
C LYS C 435 -5.79 -6.19 14.45
N LYS C 436 -6.73 -5.36 13.98
CA LYS C 436 -7.46 -4.45 14.84
C LYS C 436 -8.60 -5.11 15.61
N MET C 437 -8.91 -6.39 15.35
CA MET C 437 -9.93 -7.11 16.10
C MET C 437 -9.34 -8.03 17.17
N GLU C 438 -8.01 -8.12 17.24
CA GLU C 438 -7.38 -9.11 18.12
C GLU C 438 -7.72 -8.89 19.58
N ASP C 439 -7.98 -7.63 19.98
CA ASP C 439 -8.27 -7.32 21.37
C ASP C 439 -9.77 -7.14 21.63
N LYS C 440 -10.63 -7.62 20.74
CA LYS C 440 -12.08 -7.40 20.83
C LYS C 440 -12.84 -8.64 21.27
N GLU C 441 -12.15 -9.61 21.89
CA GLU C 441 -12.82 -10.86 22.27
C GLU C 441 -13.93 -10.62 23.30
N LYS C 442 -13.81 -9.57 24.10
CA LYS C 442 -14.81 -9.28 25.13
C LYS C 442 -16.13 -8.80 24.57
N ASN C 443 -16.25 -8.67 23.25
CA ASN C 443 -17.43 -8.07 22.63
C ASN C 443 -18.24 -9.13 21.89
N LEU C 444 -19.55 -9.03 21.99
CA LEU C 444 -20.48 -9.91 21.30
C LEU C 444 -21.16 -9.12 20.18
N TYR C 445 -20.95 -9.56 18.95
CA TYR C 445 -21.47 -8.89 17.77
C TYR C 445 -22.66 -9.66 17.23
N ILE C 446 -23.81 -9.01 17.17
CA ILE C 446 -25.07 -9.65 16.80
C ILE C 446 -25.71 -8.85 15.68
N GLY C 447 -26.21 -9.55 14.66
CA GLY C 447 -26.93 -8.94 13.55
C GLY C 447 -28.38 -9.40 13.57
N ILE C 448 -29.29 -8.47 13.26
CA ILE C 448 -30.72 -8.70 13.35
C ILE C 448 -31.36 -8.41 12.00
N ASP C 449 -32.03 -9.40 11.43
CA ASP C 449 -32.88 -9.22 10.25
C ASP C 449 -34.31 -9.48 10.70
N LEU C 450 -35.09 -8.41 10.85
CA LEU C 450 -36.46 -8.49 11.36
C LEU C 450 -37.37 -7.70 10.41
N SER C 451 -38.22 -8.41 9.69
CA SER C 451 -39.14 -7.81 8.73
C SER C 451 -40.58 -8.16 9.10
N HIS C 452 -41.50 -7.24 8.79
CA HIS C 452 -42.90 -7.38 9.12
C HIS C 452 -43.73 -7.27 7.85
N ASP C 453 -44.62 -8.24 7.64
CA ASP C 453 -45.50 -8.28 6.47
C ASP C 453 -46.83 -7.68 6.86
N THR C 454 -47.11 -6.47 6.36
CA THR C 454 -48.29 -5.74 6.84
C THR C 454 -49.59 -6.32 6.26
N TYR C 455 -49.58 -6.76 5.01
CA TYR C 455 -50.81 -7.31 4.44
C TYR C 455 -51.08 -8.71 4.98
N ALA C 456 -50.06 -9.55 5.05
CA ALA C 456 -50.21 -10.91 5.56
C ALA C 456 -50.20 -10.97 7.08
N ARG C 457 -49.86 -9.87 7.74
CA ARG C 457 -49.78 -9.79 9.20
C ARG C 457 -48.89 -10.92 9.76
N LYS C 458 -47.70 -11.04 9.17
CA LYS C 458 -46.71 -12.02 9.58
C LYS C 458 -45.37 -11.33 9.73
N THR C 459 -44.51 -11.90 10.59
CA THR C 459 -43.17 -11.37 10.81
C THR C 459 -42.14 -12.48 10.63
N ASN C 460 -40.98 -12.12 10.11
CA ASN C 460 -39.87 -13.03 9.90
C ASN C 460 -38.64 -12.47 10.62
N LEU C 461 -37.97 -13.32 11.38
CA LEU C 461 -36.85 -12.91 12.21
C LEU C 461 -35.67 -13.84 12.01
N CYS C 462 -34.47 -13.27 11.95
CA CYS C 462 -33.24 -14.05 11.92
C CYS C 462 -32.15 -13.24 12.59
N ILE C 463 -31.42 -13.86 13.51
CA ILE C 463 -30.32 -13.21 14.21
C ILE C 463 -29.06 -14.08 14.07
N ALA C 464 -27.91 -13.42 14.08
CA ALA C 464 -26.62 -14.08 13.93
C ALA C 464 -25.63 -13.44 14.88
N ALA C 465 -24.89 -14.26 15.61
CA ALA C 465 -23.91 -13.80 16.58
C ALA C 465 -22.54 -14.35 16.22
N VAL C 466 -21.52 -13.48 16.24
CA VAL C 466 -20.16 -13.86 15.92
C VAL C 466 -19.22 -13.24 16.94
N ASP C 467 -18.05 -13.85 17.11
CA ASP C 467 -17.03 -13.30 17.99
C ASP C 467 -16.08 -12.43 17.19
N ASN C 468 -15.00 -11.98 17.83
CA ASN C 468 -14.06 -11.06 17.19
C ASN C 468 -13.28 -11.69 16.05
N THR C 469 -13.23 -13.02 15.99
CA THR C 469 -12.48 -13.72 14.95
C THR C 469 -13.34 -14.15 13.78
N GLY C 470 -14.64 -13.85 13.82
CA GLY C 470 -15.54 -14.29 12.78
C GLY C 470 -16.19 -15.64 13.04
N ASP C 471 -15.79 -16.34 14.10
CA ASP C 471 -16.49 -17.56 14.50
C ASP C 471 -17.95 -17.26 14.74
N ILE C 472 -18.82 -18.08 14.17
CA ILE C 472 -20.26 -17.91 14.31
C ILE C 472 -20.68 -18.56 15.61
N LEU C 473 -21.13 -17.75 16.56
CA LEU C 473 -21.54 -18.27 17.85
C LEU C 473 -22.94 -18.87 17.79
N TYR C 474 -23.86 -18.21 17.10
CA TYR C 474 -25.24 -18.67 17.10
C TYR C 474 -25.98 -18.08 15.92
N ILE C 475 -26.90 -18.87 15.38
CA ILE C 475 -27.83 -18.43 14.35
C ILE C 475 -29.22 -18.88 14.77
N GLY C 476 -30.15 -17.95 14.83
CA GLY C 476 -31.54 -18.28 15.13
C GLY C 476 -32.44 -17.69 14.07
N LYS C 477 -33.45 -18.47 13.68
CA LYS C 477 -34.32 -18.08 12.57
C LYS C 477 -35.75 -18.50 12.89
N HIS C 478 -36.68 -17.56 12.72
CA HIS C 478 -38.11 -17.82 12.86
C HIS C 478 -38.83 -17.27 11.65
N LYS C 479 -39.79 -18.04 11.14
CA LYS C 479 -40.59 -17.63 10.00
C LYS C 479 -42.07 -17.67 10.35
N ASN C 480 -42.81 -16.75 9.74
CA ASN C 480 -44.28 -16.71 9.82
C ASN C 480 -44.77 -16.64 11.26
N LEU C 481 -44.19 -15.71 12.03
CA LEU C 481 -44.75 -15.32 13.30
C LEU C 481 -45.84 -14.28 13.08
N GLU C 482 -46.83 -14.27 13.96
CA GLU C 482 -47.95 -13.35 13.79
C GLU C 482 -47.50 -11.92 14.11
N LEU C 483 -47.96 -10.98 13.30
CA LEU C 483 -47.55 -9.58 13.43
C LEU C 483 -48.13 -9.00 14.71
N ASN C 484 -47.32 -9.00 15.76
CA ASN C 484 -47.72 -8.43 17.05
C ASN C 484 -46.45 -7.98 17.77
N GLU C 485 -46.41 -6.68 18.11
CA GLU C 485 -45.21 -6.10 18.71
C GLU C 485 -44.76 -6.88 19.95
N LYS C 486 -45.69 -7.15 20.85
CA LYS C 486 -45.34 -7.81 22.11
C LYS C 486 -44.79 -9.22 21.87
N MET C 487 -45.48 -10.00 21.02
CA MET C 487 -45.05 -11.38 20.79
C MET C 487 -43.70 -11.44 20.09
N ASN C 488 -43.49 -10.56 19.13
CA ASN C 488 -42.24 -10.51 18.39
C ASN C 488 -41.08 -10.11 19.27
N LEU C 489 -41.30 -9.17 20.16
CA LEU C 489 -40.26 -8.76 21.09
C LEU C 489 -39.93 -9.86 22.09
N ASP C 490 -40.93 -10.68 22.48
CA ASP C 490 -40.65 -11.82 23.34
C ASP C 490 -39.72 -12.81 22.66
N ILE C 491 -39.96 -13.09 21.37
CA ILE C 491 -39.12 -14.04 20.65
C ILE C 491 -37.73 -13.44 20.41
N LEU C 492 -37.67 -12.16 20.09
CA LEU C 492 -36.38 -11.50 19.88
C LEU C 492 -35.51 -11.58 21.13
N GLU C 493 -36.08 -11.25 22.28
CA GLU C 493 -35.34 -11.39 23.53
C GLU C 493 -34.92 -12.83 23.76
N LYS C 494 -35.81 -13.78 23.45
CA LYS C 494 -35.51 -15.19 23.64
C LYS C 494 -34.31 -15.63 22.81
N GLU C 495 -34.31 -15.27 21.53
CA GLU C 495 -33.17 -15.59 20.67
C GLU C 495 -31.92 -14.84 21.11
N TYR C 496 -32.09 -13.60 21.60
CA TYR C 496 -30.95 -12.82 22.06
C TYR C 496 -30.25 -13.52 23.23
N ILE C 497 -31.02 -13.98 24.20
CA ILE C 497 -30.44 -14.68 25.35
C ILE C 497 -29.72 -15.95 24.90
N LYS C 498 -30.26 -16.61 23.87
CA LYS C 498 -29.59 -17.80 23.31
C LYS C 498 -28.21 -17.45 22.78
N ALA C 499 -28.14 -16.38 21.96
CA ALA C 499 -26.84 -15.93 21.47
C ALA C 499 -25.94 -15.50 22.61
N PHE C 500 -26.50 -14.76 23.58
CA PHE C 500 -25.77 -14.38 24.78
C PHE C 500 -25.18 -15.60 25.48
N GLU C 501 -26.00 -16.63 25.69
CA GLU C 501 -25.52 -17.83 26.38
C GLU C 501 -24.48 -18.58 25.56
N LYS C 502 -24.55 -18.50 24.23
CA LYS C 502 -23.54 -19.13 23.40
C LYS C 502 -22.17 -18.50 23.63
N TYR C 503 -22.13 -17.17 23.78
CA TYR C 503 -20.87 -16.50 24.11
C TYR C 503 -20.32 -17.00 25.43
N ILE C 504 -21.16 -16.98 26.48
CA ILE C 504 -20.75 -17.48 27.78
C ILE C 504 -20.28 -18.92 27.66
N GLU C 505 -20.98 -19.73 26.86
CA GLU C 505 -20.58 -21.11 26.66
C GLU C 505 -19.16 -21.21 26.12
N LYS C 506 -18.78 -20.29 25.23
CA LYS C 506 -17.45 -20.39 24.61
C LYS C 506 -16.37 -19.77 25.48
N PHE C 507 -16.64 -18.62 26.10
CA PHE C 507 -15.61 -17.86 26.79
C PHE C 507 -15.72 -17.91 28.32
N ASN C 508 -16.73 -18.61 28.86
CA ASN C 508 -16.91 -18.79 30.30
C ASN C 508 -17.17 -17.48 31.03
N VAL C 509 -17.31 -16.38 30.29
CA VAL C 509 -17.60 -15.08 30.89
C VAL C 509 -18.67 -14.39 30.06
N SER C 510 -19.44 -13.52 30.72
CA SER C 510 -20.41 -12.69 30.03
C SER C 510 -19.67 -11.72 29.10
N PRO C 511 -20.29 -11.38 27.97
CA PRO C 511 -19.69 -10.34 27.11
C PRO C 511 -19.64 -9.01 27.82
N GLU C 512 -18.54 -8.28 27.65
CA GLU C 512 -18.43 -6.97 28.28
C GLU C 512 -19.29 -5.94 27.57
N ASN C 513 -19.38 -6.04 26.24
CA ASN C 513 -20.20 -5.15 25.44
C ASN C 513 -20.95 -5.95 24.39
N VAL C 514 -22.15 -5.50 24.06
CA VAL C 514 -23.00 -6.17 23.08
C VAL C 514 -23.29 -5.20 21.95
N PHE C 515 -22.87 -5.56 20.74
CA PHE C 515 -23.16 -4.79 19.53
C PHE C 515 -24.41 -5.36 18.89
N ILE C 516 -25.48 -4.59 18.86
CA ILE C 516 -26.73 -5.00 18.24
C ILE C 516 -26.84 -4.24 16.93
N LEU C 517 -26.56 -4.92 15.82
CA LEU C 517 -26.60 -4.33 14.49
C LEU C 517 -27.90 -4.75 13.81
N ARG C 518 -28.68 -3.76 13.36
CA ARG C 518 -30.00 -3.99 12.80
C ARG C 518 -29.99 -3.69 11.31
N ASP C 519 -30.57 -4.60 10.52
CA ASP C 519 -30.82 -4.36 9.10
C ASP C 519 -31.90 -3.29 9.01
N GLY C 520 -31.49 -2.05 8.79
CA GLY C 520 -32.43 -0.95 8.73
C GLY C 520 -32.68 -0.35 10.11
N ARG C 521 -33.82 0.32 10.21
CA ARG C 521 -34.17 1.06 11.41
C ARG C 521 -34.93 0.17 12.40
N PHE C 522 -34.83 0.53 13.68
CA PHE C 522 -35.67 -0.06 14.71
C PHE C 522 -37.05 0.58 14.66
N ILE C 523 -38.08 -0.23 14.39
CA ILE C 523 -39.47 0.22 14.44
C ILE C 523 -40.23 -0.43 15.59
N GLU C 524 -39.57 -1.24 16.40
CA GLU C 524 -40.22 -1.87 17.53
C GLU C 524 -40.10 -0.99 18.78
N ASP C 525 -40.80 -1.42 19.83
CA ASP C 525 -40.78 -0.74 21.12
C ASP C 525 -39.35 -0.67 21.65
N ILE C 526 -38.69 0.49 21.44
CA ILE C 526 -37.24 0.56 21.65
C ILE C 526 -36.89 0.41 23.12
N GLU C 527 -37.72 0.95 24.02
CA GLU C 527 -37.42 0.85 25.44
C GLU C 527 -37.53 -0.57 25.94
N ILE C 528 -38.43 -1.37 25.36
CA ILE C 528 -38.45 -2.80 25.64
C ILE C 528 -37.12 -3.43 25.24
N ILE C 529 -36.63 -3.10 24.04
CA ILE C 529 -35.37 -3.64 23.55
C ILE C 529 -34.23 -3.23 24.48
N LYS C 530 -34.08 -1.92 24.72
CA LYS C 530 -33.05 -1.44 25.63
C LYS C 530 -33.10 -2.16 26.97
N ASN C 531 -34.30 -2.53 27.42
CA ASN C 531 -34.46 -3.17 28.71
C ASN C 531 -33.82 -4.56 28.73
N PHE C 532 -34.26 -5.46 27.84
CA PHE C 532 -33.78 -6.83 27.93
C PHE C 532 -32.39 -7.01 27.32
N ILE C 533 -31.98 -6.14 26.40
CA ILE C 533 -30.61 -6.19 25.89
C ILE C 533 -29.61 -6.00 27.03
N SER C 534 -30.02 -5.34 28.10
CA SER C 534 -29.22 -5.20 29.31
C SER C 534 -29.14 -6.50 30.10
N TYR C 535 -29.34 -7.63 29.42
CA TYR C 535 -29.26 -8.95 30.06
C TYR C 535 -27.96 -9.11 30.84
N ASN C 536 -28.09 -9.47 32.12
CA ASN C 536 -26.99 -9.56 33.08
C ASN C 536 -26.35 -8.21 33.36
N ASP C 537 -27.10 -7.11 33.21
CA ASP C 537 -26.55 -5.75 33.33
C ASP C 537 -25.32 -5.59 32.46
N THR C 538 -25.53 -5.68 31.15
CA THR C 538 -24.47 -5.68 30.16
C THR C 538 -24.48 -4.37 29.38
N LYS C 539 -23.29 -3.80 29.17
CA LYS C 539 -23.15 -2.65 28.31
C LYS C 539 -23.48 -3.03 26.88
N TYR C 540 -24.08 -2.10 26.14
CA TYR C 540 -24.59 -2.43 24.81
C TYR C 540 -24.61 -1.17 23.94
N THR C 541 -24.81 -1.41 22.64
CA THR C 541 -25.06 -0.35 21.68
C THR C 541 -26.08 -0.85 20.67
N LEU C 542 -27.02 0.01 20.29
CA LEU C 542 -28.03 -0.29 19.29
C LEU C 542 -27.68 0.47 18.01
N VAL C 543 -27.52 -0.26 16.91
CA VAL C 543 -26.99 0.30 15.67
C VAL C 543 -27.97 0.00 14.53
N GLU C 544 -28.32 1.04 13.77
CA GLU C 544 -29.13 0.90 12.57
C GLU C 544 -28.22 0.96 11.36
N VAL C 545 -28.26 -0.09 10.54
CA VAL C 545 -27.42 -0.21 9.35
C VAL C 545 -28.32 -0.16 8.12
N ASN C 546 -28.11 0.84 7.28
CA ASN C 546 -28.90 1.03 6.06
C ASN C 546 -28.00 0.72 4.87
N LYS C 547 -28.16 -0.49 4.32
CA LYS C 547 -27.35 -0.90 3.18
C LYS C 547 -27.75 -0.25 1.87
N ASN C 548 -28.86 0.50 1.86
CA ASN C 548 -29.37 1.10 0.63
C ASN C 548 -29.40 2.62 0.72
N THR C 549 -28.44 3.23 1.41
CA THR C 549 -28.45 4.68 1.58
C THR C 549 -28.31 5.37 0.21
N ASN C 550 -29.03 6.48 0.06
CA ASN C 550 -29.04 7.24 -1.18
C ASN C 550 -27.91 8.26 -1.24
N ILE C 551 -27.15 8.43 -0.17
CA ILE C 551 -26.07 9.41 -0.12
C ILE C 551 -24.88 8.89 -0.92
N ASN C 552 -24.38 9.69 -1.84
CA ASN C 552 -23.33 9.25 -2.74
C ASN C 552 -22.63 10.47 -3.32
N SER C 553 -21.83 10.24 -4.36
CA SER C 553 -20.95 11.26 -4.92
C SER C 553 -20.42 10.78 -6.24
N TYR C 554 -19.95 11.72 -7.05
CA TYR C 554 -19.19 11.37 -8.25
C TYR C 554 -17.73 11.12 -7.95
N ASP C 555 -17.22 11.57 -6.80
CA ASP C 555 -15.87 11.26 -6.39
C ASP C 555 -15.77 9.81 -5.91
N ASP C 556 -14.56 9.27 -5.96
CA ASP C 556 -14.30 7.90 -5.55
C ASP C 556 -14.22 7.85 -4.03
N LEU C 557 -15.21 7.20 -3.39
CA LEU C 557 -15.27 7.11 -1.94
C LEU C 557 -15.13 5.68 -1.45
N LYS C 558 -14.77 4.73 -2.32
CA LYS C 558 -14.65 3.34 -1.91
C LYS C 558 -13.55 3.19 -0.87
N GLU C 559 -13.85 2.40 0.17
CA GLU C 559 -13.01 2.15 1.34
C GLU C 559 -12.82 3.40 2.22
N TRP C 560 -13.63 4.43 2.03
CA TRP C 560 -13.65 5.58 2.90
C TRP C 560 -14.85 5.50 3.85
N ILE C 561 -14.64 5.99 5.07
CA ILE C 561 -15.71 6.17 6.05
C ILE C 561 -15.93 7.66 6.24
N ILE C 562 -17.17 8.11 6.06
CA ILE C 562 -17.51 9.52 6.15
C ILE C 562 -18.37 9.74 7.38
N LYS C 563 -18.02 10.76 8.16
CA LYS C 563 -18.80 11.17 9.31
C LYS C 563 -19.81 12.22 8.91
N LEU C 564 -21.09 11.96 9.18
CA LEU C 564 -22.15 12.92 8.93
C LEU C 564 -22.48 13.74 10.17
N ASP C 565 -22.70 13.09 11.31
CA ASP C 565 -22.83 13.79 12.58
C ASP C 565 -22.32 12.87 13.69
N GLU C 566 -22.53 13.29 14.94
CA GLU C 566 -21.97 12.57 16.07
C GLU C 566 -22.40 11.10 16.10
N ASN C 567 -23.61 10.80 15.66
CA ASN C 567 -24.17 9.45 15.76
C ASN C 567 -24.33 8.75 14.42
N THR C 568 -24.00 9.40 13.30
CA THR C 568 -24.29 8.86 11.99
C THR C 568 -23.05 8.89 11.11
N TYR C 569 -22.71 7.74 10.53
CA TYR C 569 -21.59 7.60 9.61
C TYR C 569 -22.06 6.85 8.37
N ILE C 570 -21.22 6.88 7.34
CA ILE C 570 -21.46 6.12 6.11
C ILE C 570 -20.13 5.63 5.58
N TYR C 571 -20.04 4.34 5.28
CA TYR C 571 -18.85 3.79 4.64
C TYR C 571 -19.21 3.24 3.27
N TYR C 572 -18.21 3.18 2.41
CA TYR C 572 -18.36 2.63 1.07
C TYR C 572 -17.42 1.44 0.93
N PRO C 573 -17.94 0.22 0.93
CA PRO C 573 -17.07 -0.96 0.92
C PRO C 573 -16.37 -1.14 -0.42
N LYS C 574 -15.18 -1.74 -0.35
CA LYS C 574 -14.44 -2.07 -1.56
C LYS C 574 -15.27 -2.94 -2.48
N THR C 575 -15.37 -2.55 -3.75
CA THR C 575 -16.13 -3.30 -4.73
C THR C 575 -15.55 -3.04 -6.11
N PHE C 576 -15.82 -3.98 -7.02
CA PHE C 576 -15.50 -3.81 -8.43
C PHE C 576 -16.71 -3.38 -9.25
N LEU C 577 -17.84 -3.13 -8.60
CA LEU C 577 -19.02 -2.62 -9.28
C LEU C 577 -19.31 -1.18 -8.85
N ASN C 578 -20.57 -0.77 -8.99
CA ASN C 578 -20.95 0.60 -8.70
C ASN C 578 -20.71 0.95 -7.24
N GLN C 579 -20.32 2.21 -7.01
CA GLN C 579 -20.07 2.70 -5.67
C GLN C 579 -21.38 2.78 -4.89
N LYS C 580 -21.45 2.05 -3.78
CA LYS C 580 -22.65 2.01 -2.95
C LYS C 580 -22.26 2.21 -1.49
N GLY C 581 -23.09 2.97 -0.77
CA GLY C 581 -22.82 3.28 0.61
C GLY C 581 -23.59 2.43 1.59
N VAL C 582 -23.09 2.37 2.81
CA VAL C 582 -23.77 1.71 3.92
C VAL C 582 -23.84 2.71 5.07
N GLU C 583 -25.05 3.07 5.47
CA GLU C 583 -25.25 4.06 6.51
C GLU C 583 -25.29 3.39 7.87
N VAL C 584 -24.59 3.97 8.84
CA VAL C 584 -24.47 3.41 10.18
C VAL C 584 -24.86 4.49 11.18
N LYS C 585 -25.87 4.20 12.00
CA LYS C 585 -26.39 5.16 12.96
C LYS C 585 -26.54 4.51 14.33
N ILE C 586 -25.95 5.12 15.34
CA ILE C 586 -26.03 4.62 16.71
C ILE C 586 -27.22 5.27 17.41
N LEU C 587 -28.16 4.44 17.84
CA LEU C 587 -29.33 4.91 18.59
C LEU C 587 -29.06 5.02 20.08
N GLU C 588 -28.35 4.03 20.64
CA GLU C 588 -28.02 4.00 22.06
C GLU C 588 -26.61 3.45 22.19
N ASN C 589 -25.91 3.87 23.25
CA ASN C 589 -24.57 3.36 23.52
C ASN C 589 -24.16 3.68 24.95
N ASN C 590 -23.88 2.63 25.73
CA ASN C 590 -23.21 2.78 27.01
C ASN C 590 -22.05 1.79 27.12
N THR C 591 -21.45 1.43 25.99
CA THR C 591 -20.33 0.50 25.97
C THR C 591 -19.06 1.20 26.45
N ASP C 592 -17.95 0.45 26.40
CA ASP C 592 -16.63 1.00 26.65
C ASP C 592 -16.15 1.90 25.52
N TYR C 593 -16.82 1.91 24.38
CA TYR C 593 -16.31 2.53 23.18
C TYR C 593 -17.05 3.82 22.85
N THR C 594 -16.34 4.73 22.18
CA THR C 594 -16.95 5.91 21.60
C THR C 594 -17.65 5.52 20.30
N ILE C 595 -18.41 6.48 19.75
CA ILE C 595 -19.14 6.23 18.51
C ILE C 595 -18.16 5.89 17.39
N GLU C 596 -17.10 6.69 17.27
CA GLU C 596 -16.13 6.46 16.20
C GLU C 596 -15.46 5.10 16.33
N GLU C 597 -15.24 4.63 17.55
CA GLU C 597 -14.67 3.30 17.74
C GLU C 597 -15.67 2.22 17.37
N ILE C 598 -16.96 2.44 17.65
CA ILE C 598 -17.99 1.50 17.25
C ILE C 598 -18.08 1.43 15.72
N ILE C 599 -17.97 2.59 15.07
CA ILE C 599 -17.99 2.62 13.61
C ILE C 599 -16.82 1.83 13.04
N GLU C 600 -15.63 2.00 13.61
CA GLU C 600 -14.47 1.27 13.09
C GLU C 600 -14.65 -0.23 13.21
N GLN C 601 -15.18 -0.69 14.35
CA GLN C 601 -15.42 -2.12 14.52
C GLN C 601 -16.47 -2.62 13.54
N ILE C 602 -17.51 -1.82 13.27
CA ILE C 602 -18.54 -2.23 12.33
C ILE C 602 -17.96 -2.43 10.94
N TYR C 603 -17.05 -1.52 10.53
CA TYR C 603 -16.38 -1.68 9.24
C TYR C 603 -15.47 -2.90 9.24
N LEU C 604 -14.72 -3.11 10.33
CA LEU C 604 -13.86 -4.28 10.43
C LEU C 604 -14.66 -5.57 10.34
N LEU C 605 -15.87 -5.58 10.90
CA LEU C 605 -16.72 -6.76 10.83
C LEU C 605 -17.07 -7.14 9.40
N THR C 606 -17.00 -6.21 8.45
CA THR C 606 -17.22 -6.57 7.05
C THR C 606 -16.09 -7.42 6.50
N ARG C 607 -15.00 -7.59 7.26
CA ARG C 607 -13.84 -8.33 6.79
C ARG C 607 -13.39 -9.46 7.71
N VAL C 608 -14.09 -9.69 8.83
CA VAL C 608 -13.68 -10.76 9.74
C VAL C 608 -13.84 -12.14 9.14
N ALA C 609 -14.52 -12.25 8.01
CA ALA C 609 -14.59 -13.49 7.25
C ALA C 609 -14.61 -13.15 5.77
N HIS C 610 -14.14 -14.09 4.96
CA HIS C 610 -14.22 -13.97 3.51
C HIS C 610 -14.86 -15.22 2.92
N SER C 611 -15.76 -15.04 1.96
CA SER C 611 -16.22 -16.17 1.15
C SER C 611 -15.07 -16.75 0.34
N THR C 612 -14.39 -15.89 -0.42
CA THR C 612 -13.12 -16.20 -1.06
C THR C 612 -12.20 -15.02 -0.85
N PRO C 613 -10.89 -15.19 -1.04
CA PRO C 613 -9.97 -14.05 -0.91
C PRO C 613 -10.13 -12.99 -1.98
N TYR C 614 -10.87 -13.28 -3.05
CA TYR C 614 -10.92 -12.41 -4.22
C TYR C 614 -12.09 -11.45 -4.22
N THR C 615 -13.03 -11.57 -3.28
CA THR C 615 -14.04 -10.56 -3.06
C THR C 615 -14.21 -10.37 -1.55
N ASN C 616 -14.87 -9.27 -1.19
CA ASN C 616 -15.14 -8.98 0.22
C ASN C 616 -16.62 -8.75 0.42
N TYR C 617 -17.07 -8.99 1.66
CA TYR C 617 -18.44 -8.69 2.03
C TYR C 617 -18.64 -7.18 2.11
N LYS C 618 -19.89 -6.76 1.91
CA LYS C 618 -20.26 -5.35 1.99
C LYS C 618 -20.82 -4.96 3.35
N LEU C 619 -21.54 -5.86 3.98
CA LEU C 619 -22.16 -5.64 5.29
C LEU C 619 -21.33 -6.30 6.37
N PRO C 620 -21.42 -5.81 7.62
CA PRO C 620 -20.76 -6.51 8.72
C PRO C 620 -21.22 -7.96 8.79
N TYR C 621 -20.27 -8.85 9.08
CA TYR C 621 -20.50 -10.29 8.95
C TYR C 621 -21.75 -10.79 9.66
N PRO C 622 -22.03 -10.42 10.92
CA PRO C 622 -23.27 -10.91 11.54
C PRO C 622 -24.53 -10.46 10.82
N LEU C 623 -24.52 -9.27 10.22
CA LEU C 623 -25.67 -8.83 9.42
C LEU C 623 -25.71 -9.55 8.08
N HIS C 624 -24.55 -9.76 7.46
CA HIS C 624 -24.51 -10.53 6.22
C HIS C 624 -25.08 -11.93 6.43
N ILE C 625 -24.76 -12.55 7.57
CA ILE C 625 -25.27 -13.87 7.86
C ILE C 625 -26.79 -13.84 8.06
N ALA C 626 -27.28 -12.87 8.83
CA ALA C 626 -28.71 -12.81 9.13
C ALA C 626 -29.53 -12.58 7.86
N ASN C 627 -29.05 -11.71 6.96
CA ASN C 627 -29.74 -11.51 5.70
C ASN C 627 -29.71 -12.79 4.85
N LYS C 628 -28.57 -13.48 4.83
CA LYS C 628 -28.45 -14.68 4.01
C LYS C 628 -29.32 -15.80 4.54
N VAL C 629 -29.26 -16.07 5.84
CA VAL C 629 -30.02 -17.18 6.42
C VAL C 629 -31.51 -16.92 6.29
N ALA C 630 -31.93 -15.67 6.48
CA ALA C 630 -33.36 -15.35 6.38
C ALA C 630 -33.89 -15.50 4.97
N LEU C 631 -33.01 -15.48 3.96
CA LEU C 631 -33.46 -15.41 2.57
C LEU C 631 -33.95 -16.76 2.05
N THR C 632 -33.36 -17.87 2.50
CA THR C 632 -33.68 -19.19 1.98
C THR C 632 -33.87 -20.17 3.12
N ASP C 633 -34.52 -21.31 2.78
CA ASP C 633 -34.79 -22.35 3.76
C ASP C 633 -33.56 -23.22 4.02
N TYR C 634 -32.81 -23.55 2.96
CA TYR C 634 -31.63 -24.40 3.08
C TYR C 634 -30.42 -23.90 2.31
N GLU C 635 -30.60 -23.14 1.23
CA GLU C 635 -29.50 -22.79 0.35
C GLU C 635 -28.40 -22.02 1.07
N TRP C 636 -28.74 -21.28 2.14
CA TRP C 636 -27.73 -20.51 2.86
C TRP C 636 -26.66 -21.39 3.48
N LYS C 637 -26.95 -22.67 3.72
CA LYS C 637 -25.95 -23.57 4.25
C LYS C 637 -24.79 -23.80 3.30
N LEU C 638 -24.93 -23.44 2.03
CA LEU C 638 -23.84 -23.53 1.07
C LEU C 638 -22.82 -22.40 1.24
N TYR C 639 -23.21 -21.31 1.88
CA TYR C 639 -22.37 -20.13 2.02
C TYR C 639 -21.92 -19.87 3.45
N ILE C 640 -22.78 -20.16 4.43
CA ILE C 640 -22.54 -19.85 5.83
C ILE C 640 -22.18 -21.15 6.55
N PRO C 641 -20.97 -21.29 7.08
CA PRO C 641 -20.63 -22.52 7.83
C PRO C 641 -21.33 -22.52 9.18
N TYR C 642 -22.24 -23.47 9.36
CA TYR C 642 -23.02 -23.58 10.59
C TYR C 642 -23.81 -24.89 10.59
#